data_7TLS
# 
_entry.id   7TLS 
# 
_audit_conform.dict_name       mmcif_pdbx.dic 
_audit_conform.dict_version    5.396 
_audit_conform.dict_location   http://mmcif.pdb.org/dictionaries/ascii/mmcif_pdbx.dic 
# 
loop_
_database_2.database_id 
_database_2.database_code 
_database_2.pdbx_database_accession 
_database_2.pdbx_DOI 
PDB   7TLS         pdb_00007tls 10.2210/pdb7tls/pdb 
WWPDB D_1000262529 ?            ?                   
# 
loop_
_pdbx_audit_revision_history.ordinal 
_pdbx_audit_revision_history.data_content_type 
_pdbx_audit_revision_history.major_revision 
_pdbx_audit_revision_history.minor_revision 
_pdbx_audit_revision_history.revision_date 
1 'Structure model' 1 0 2022-04-20 
2 'Structure model' 1 1 2022-04-27 
3 'Structure model' 2 0 2024-09-25 
# 
_pdbx_audit_revision_details.ordinal             1 
_pdbx_audit_revision_details.revision_ordinal    1 
_pdbx_audit_revision_details.data_content_type   'Structure model' 
_pdbx_audit_revision_details.provider            repository 
_pdbx_audit_revision_details.type                'Initial release' 
_pdbx_audit_revision_details.description         ? 
_pdbx_audit_revision_details.details             ? 
# 
loop_
_pdbx_audit_revision_group.ordinal 
_pdbx_audit_revision_group.revision_ordinal 
_pdbx_audit_revision_group.data_content_type 
_pdbx_audit_revision_group.group 
1 2 'Structure model' 'Database references'      
2 3 'Structure model' 'Atomic model'             
3 3 'Structure model' 'Data collection'          
4 3 'Structure model' 'Database references'      
5 3 'Structure model' 'Derived calculations'     
6 3 'Structure model' 'Experimental preparation' 
7 3 'Structure model' 'Polymer sequence'         
8 3 'Structure model' 'Source and taxonomy'      
9 3 'Structure model' 'Structure summary'        
# 
loop_
_pdbx_audit_revision_category.ordinal 
_pdbx_audit_revision_category.revision_ordinal 
_pdbx_audit_revision_category.data_content_type 
_pdbx_audit_revision_category.category 
1  2 'Structure model' citation                 
2  3 'Structure model' atom_site                
3  3 'Structure model' atom_site_anisotrop      
4  3 'Structure model' chem_comp_atom           
5  3 'Structure model' chem_comp_bond           
6  3 'Structure model' entity                   
7  3 'Structure model' entity_poly              
8  3 'Structure model' entity_poly_seq          
9  3 'Structure model' exptl_crystal            
10 3 'Structure model' pdbx_entity_nonpoly      
11 3 'Structure model' pdbx_entity_src_syn      
12 3 'Structure model' pdbx_nonpoly_scheme      
13 3 'Structure model' pdbx_poly_seq_scheme     
14 3 'Structure model' pdbx_struct_assembly_gen 
15 3 'Structure model' struct_asym              
16 3 'Structure model' struct_conf              
17 3 'Structure model' struct_conn              
18 3 'Structure model' struct_ref_seq           
# 
loop_
_pdbx_audit_revision_item.ordinal 
_pdbx_audit_revision_item.revision_ordinal 
_pdbx_audit_revision_item.data_content_type 
_pdbx_audit_revision_item.item 
1  2 'Structure model' '_citation.journal_volume'                  
2  2 'Structure model' '_citation.page_first'                      
3  2 'Structure model' '_citation.page_last'                       
4  3 'Structure model' '_atom_site.B_iso_or_equiv'                 
5  3 'Structure model' '_atom_site.Cartn_x'                        
6  3 'Structure model' '_atom_site.Cartn_y'                        
7  3 'Structure model' '_atom_site.Cartn_z'                        
8  3 'Structure model' '_atom_site.auth_atom_id'                   
9  3 'Structure model' '_atom_site.auth_comp_id'                   
10 3 'Structure model' '_atom_site.auth_seq_id'                    
11 3 'Structure model' '_atom_site.group_PDB'                      
12 3 'Structure model' '_atom_site.label_alt_id'                   
13 3 'Structure model' '_atom_site.label_asym_id'                  
14 3 'Structure model' '_atom_site.label_atom_id'                  
15 3 'Structure model' '_atom_site.label_comp_id'                  
16 3 'Structure model' '_atom_site.label_entity_id'                
17 3 'Structure model' '_atom_site.label_seq_id'                   
18 3 'Structure model' '_atom_site.occupancy'                      
19 3 'Structure model' '_atom_site.type_symbol'                    
20 3 'Structure model' '_atom_site_anisotrop.id'                   
21 3 'Structure model' '_atom_site_anisotrop.pdbx_auth_seq_id'     
22 3 'Structure model' '_atom_site_anisotrop.pdbx_label_asym_id'   
23 3 'Structure model' '_atom_site_anisotrop.pdbx_label_seq_id'    
24 3 'Structure model' '_entity_poly.pdbx_seq_one_letter_code'     
25 3 'Structure model' '_entity_poly.pdbx_seq_one_letter_code_can' 
26 3 'Structure model' '_exptl_crystal.density_Matthews'           
27 3 'Structure model' '_exptl_crystal.density_percent_sol'        
28 3 'Structure model' '_pdbx_entity_src_syn.pdbx_end_seq_num'     
29 3 'Structure model' '_pdbx_struct_assembly_gen.asym_id_list'    
30 3 'Structure model' '_struct_conf.beg_label_seq_id'             
31 3 'Structure model' '_struct_conf.end_label_seq_id'             
32 3 'Structure model' '_struct_conn.pdbx_dist_value'              
33 3 'Structure model' '_struct_conn.pdbx_leaving_atom_flag'       
34 3 'Structure model' '_struct_conn.pdbx_ptnr1_label_alt_id'      
35 3 'Structure model' '_struct_conn.pdbx_ptnr2_label_alt_id'      
36 3 'Structure model' '_struct_conn.ptnr1_auth_comp_id'           
37 3 'Structure model' '_struct_conn.ptnr1_auth_seq_id'            
38 3 'Structure model' '_struct_conn.ptnr1_label_atom_id'          
39 3 'Structure model' '_struct_conn.ptnr1_label_comp_id'          
40 3 'Structure model' '_struct_conn.ptnr1_label_seq_id'           
41 3 'Structure model' '_struct_conn.ptnr2_auth_comp_id'           
42 3 'Structure model' '_struct_conn.ptnr2_auth_seq_id'            
43 3 'Structure model' '_struct_conn.ptnr2_label_asym_id'          
44 3 'Structure model' '_struct_conn.ptnr2_label_atom_id'          
45 3 'Structure model' '_struct_conn.ptnr2_label_comp_id'          
46 3 'Structure model' '_struct_conn.ptnr2_label_seq_id'           
47 3 'Structure model' '_struct_ref_seq.db_align_beg'              
48 3 'Structure model' '_struct_ref_seq.db_align_end'              
49 3 'Structure model' '_struct_ref_seq.pdbx_auth_seq_align_beg'   
50 3 'Structure model' '_struct_ref_seq.pdbx_auth_seq_align_end'   
51 3 'Structure model' '_struct_ref_seq.seq_align_end'             
# 
_pdbx_database_status.status_code                     REL 
_pdbx_database_status.status_code_sf                  REL 
_pdbx_database_status.status_code_mr                  ? 
_pdbx_database_status.entry_id                        7TLS 
_pdbx_database_status.recvd_initial_deposition_date   2022-01-18 
_pdbx_database_status.SG_entry                        N 
_pdbx_database_status.deposit_site                    RCSB 
_pdbx_database_status.process_site                    RCSB 
_pdbx_database_status.status_code_cs                  ? 
_pdbx_database_status.status_code_nmr_data            ? 
_pdbx_database_status.methods_development_category    ? 
_pdbx_database_status.pdb_format_compatible           Y 
# 
_pdbx_contact_author.id                 2 
_pdbx_contact_author.email              andyn@uic.edu 
_pdbx_contact_author.name_first         Andy 
_pdbx_contact_author.name_last          Nguyen 
_pdbx_contact_author.name_mi            I 
_pdbx_contact_author.role               'principal investigator/group leader' 
_pdbx_contact_author.identifier_ORCID   0000-0003-4137-6453 
# 
_audit_author.name               'Nguyen, A.I.' 
_audit_author.pdbx_ordinal       1 
_audit_author.identifier_ORCID   0000-0003-4137-6453 
# 
_citation.abstract                  ? 
_citation.abstract_id_CAS           ? 
_citation.book_id_ISBN              ? 
_citation.book_publisher            ? 
_citation.book_publisher_city       ? 
_citation.book_title                ? 
_citation.coordinate_linkage        ? 
_citation.country                   US 
_citation.database_id_Medline       ? 
_citation.details                   ? 
_citation.id                        primary 
_citation.journal_abbrev            J.Am.Chem.Soc. 
_citation.journal_id_ASTM           JACSAT 
_citation.journal_id_CSD            ? 
_citation.journal_id_ISSN           1520-5126 
_citation.journal_full              ? 
_citation.journal_issue             ? 
_citation.journal_volume            144 
_citation.language                  ? 
_citation.page_first                7001 
_citation.page_last                 7009 
_citation.title                     
'Assembly of pi-Stacking Helical Peptides into a Porous and Multivariable Proteomimetic Framework.' 
_citation.year                      2022 
_citation.database_id_CSD           ? 
_citation.pdbx_database_id_DOI      10.1021/jacs.2c02146 
_citation.pdbx_database_id_PubMed   35390261 
_citation.pdbx_database_id_patent   ? 
_citation.unpublished_flag          ? 
# 
loop_
_citation_author.citation_id 
_citation_author.name 
_citation_author.ordinal 
_citation_author.identifier_ORCID 
primary 'Heinz-Kunert, S.L.' 1 ?                   
primary 'Pandya, A.'         2 0000-0003-3303-1009 
primary 'Dang, V.T.'         3 ?                   
primary 'Tran, P.N.'         4 ?                   
primary 'Ghosh, S.'          5 ?                   
primary 'McElheny, D.'       6 ?                   
primary 'Santarsiero, B.D.'  7 0000-0002-9032-9699 
primary 'Ren, Z.'            8 0000-0001-7098-3127 
primary 'Nguyen, A.I.'       9 0000-0003-4137-6453 
# 
loop_
_entity.id 
_entity.type 
_entity.src_method 
_entity.pdbx_description 
_entity.formula_weight 
_entity.pdbx_number_of_molecules 
_entity.pdbx_ec 
_entity.pdbx_mutation 
_entity.pdbx_fragment 
_entity.details 
1 polymer     syn 'bipyridyl-conjugated helical peptide' 1374.589 1 ? ? ? ? 
2 non-polymer syn ACETONITRILE                           41.052   3 ? ? ? ? 
3 water       nat water                                  18.015   5 ? ? ? ? 
# 
_entity_poly.entity_id                      1 
_entity_poly.type                           'polypeptide(L)' 
_entity_poly.nstd_linkage                   no 
_entity_poly.nstd_monomer                   yes 
_entity_poly.pdbx_seq_one_letter_code       '(I6W)L(AIB)A(AIB)L(AIB)Q(AIB)L(I77)' 
_entity_poly.pdbx_seq_one_letter_code_can   XLAAALAQALX 
_entity_poly.pdbx_strand_id                 A 
_entity_poly.pdbx_target_identifier         ? 
# 
loop_
_pdbx_entity_nonpoly.entity_id 
_pdbx_entity_nonpoly.name 
_pdbx_entity_nonpoly.comp_id 
2 ACETONITRILE CCN 
3 water        HOH 
# 
loop_
_entity_poly_seq.entity_id 
_entity_poly_seq.num 
_entity_poly_seq.mon_id 
_entity_poly_seq.hetero 
1 1  I6W n 
1 2  LEU n 
1 3  AIB n 
1 4  ALA n 
1 5  AIB n 
1 6  LEU n 
1 7  AIB n 
1 8  GLN n 
1 9  AIB n 
1 10 LEU n 
1 11 I77 n 
# 
_pdbx_entity_src_syn.entity_id              1 
_pdbx_entity_src_syn.pdbx_src_id            1 
_pdbx_entity_src_syn.pdbx_alt_source_flag   sample 
_pdbx_entity_src_syn.pdbx_beg_seq_num       1 
_pdbx_entity_src_syn.pdbx_end_seq_num       11 
_pdbx_entity_src_syn.organism_scientific    'synthetic construct' 
_pdbx_entity_src_syn.organism_common_name   ? 
_pdbx_entity_src_syn.ncbi_taxonomy_id       32630 
_pdbx_entity_src_syn.details                ? 
# 
loop_
_chem_comp.id 
_chem_comp.type 
_chem_comp.mon_nstd_flag 
_chem_comp.name 
_chem_comp.pdbx_synonyms 
_chem_comp.formula 
_chem_comp.formula_weight 
AIB 'L-peptide linking' n 'ALPHA-AMINOISOBUTYRIC ACID'                            ? 'C4 H9 N O2'    103.120 
ALA 'L-peptide linking' y ALANINE                                                 ? 'C3 H7 N O2'    89.093  
CCN non-polymer         . ACETONITRILE                                            ? 'C2 H3 N'       41.052  
GLN 'L-peptide linking' y GLUTAMINE                                               ? 'C5 H10 N2 O3'  146.144 
HOH non-polymer         . WATER                                                   ? 'H2 O'          18.015  
I6W non-polymer         . 
;ethyl 5'-formyl[2,2'-bipyridine]-5-carboxylate
;
? 'C14 H12 N2 O3' 256.257 
I77 non-polymer         . "5'-(hydrazinecarbonyl)[2,2'-bipyridine]-5-carboxamide" ? 'C12 H11 N5 O2' 257.248 
LEU 'L-peptide linking' y LEUCINE                                                 ? 'C6 H13 N O2'   131.173 
# 
loop_
_pdbx_poly_seq_scheme.asym_id 
_pdbx_poly_seq_scheme.entity_id 
_pdbx_poly_seq_scheme.seq_id 
_pdbx_poly_seq_scheme.mon_id 
_pdbx_poly_seq_scheme.ndb_seq_num 
_pdbx_poly_seq_scheme.pdb_seq_num 
_pdbx_poly_seq_scheme.auth_seq_num 
_pdbx_poly_seq_scheme.pdb_mon_id 
_pdbx_poly_seq_scheme.auth_mon_id 
_pdbx_poly_seq_scheme.pdb_strand_id 
_pdbx_poly_seq_scheme.pdb_ins_code 
_pdbx_poly_seq_scheme.hetero 
A 1 1  I6W 1  1  1  I6W BPE A . n 
A 1 2  LEU 2  2  2  LEU LEU A . n 
A 1 3  AIB 3  3  3  AIB AIB A . n 
A 1 4  ALA 4  4  4  ALA ALA A . n 
A 1 5  AIB 5  5  5  AIB AIB A . n 
A 1 6  LEU 6  6  6  LEU LEU A . n 
A 1 7  AIB 7  7  7  AIB AIB A . n 
A 1 8  GLN 8  8  8  GLN GLN A . n 
A 1 9  AIB 9  9  9  AIB AIB A . n 
A 1 10 LEU 10 10 10 LEU LEU A . n 
A 1 11 I77 11 11 11 I77 BPH A . n 
# 
loop_
_pdbx_nonpoly_scheme.asym_id 
_pdbx_nonpoly_scheme.entity_id 
_pdbx_nonpoly_scheme.mon_id 
_pdbx_nonpoly_scheme.ndb_seq_num 
_pdbx_nonpoly_scheme.pdb_seq_num 
_pdbx_nonpoly_scheme.auth_seq_num 
_pdbx_nonpoly_scheme.pdb_mon_id 
_pdbx_nonpoly_scheme.auth_mon_id 
_pdbx_nonpoly_scheme.pdb_strand_id 
_pdbx_nonpoly_scheme.pdb_ins_code 
B 2 CCN 1 201 12 CCN ACN A . 
C 2 CCN 1 202 13 CCN ACN A . 
D 2 CCN 1 203 14 CCN ACN A . 
E 3 HOH 1 301 5  HOH HOH A . 
E 3 HOH 2 302 1  HOH HOH A . 
E 3 HOH 3 303 2  HOH HOH A . 
E 3 HOH 4 304 4  HOH HOH A . 
E 3 HOH 5 305 3  HOH HOH A . 
# 
loop_
_software.citation_id 
_software.classification 
_software.compiler_name 
_software.compiler_version 
_software.contact_author 
_software.contact_author_email 
_software.date 
_software.description 
_software.dependencies 
_software.hardware 
_software.language 
_software.location 
_software.mods 
_software.name 
_software.os 
_software.os_version 
_software.type 
_software.version 
_software.pdbx_ordinal 
? refinement       ? ? ? ? ? ? ? ? ? ? ? PHENIX ? ? ? 1.19.2_4158 1 
? 'data reduction' ? ? ? ? ? ? ? ? ? ? ? XDS    ? ? ? .           2 
? 'data scaling'   ? ? ? ? ? ? ? ? ? ? ? XDS    ? ? ? .           3 
? phasing          ? ? ? ? ? ? ? ? ? ? ? SHELXT ? ? ? .           4 
# 
_cell.angle_alpha                  90.000 
_cell.angle_alpha_esd              ? 
_cell.angle_beta                   99.583 
_cell.angle_beta_esd               ? 
_cell.angle_gamma                  90.000 
_cell.angle_gamma_esd              ? 
_cell.entry_id                     7TLS 
_cell.details                      ? 
_cell.formula_units_Z              ? 
_cell.length_a                     13.797 
_cell.length_a_esd                 ? 
_cell.length_b                     13.456 
_cell.length_b_esd                 ? 
_cell.length_c                     27.690 
_cell.length_c_esd                 ? 
_cell.volume                       5068.980 
_cell.volume_esd                   ? 
_cell.Z_PDB                        2 
_cell.reciprocal_angle_alpha       ? 
_cell.reciprocal_angle_beta        ? 
_cell.reciprocal_angle_gamma       ? 
_cell.reciprocal_angle_alpha_esd   ? 
_cell.reciprocal_angle_beta_esd    ? 
_cell.reciprocal_angle_gamma_esd   ? 
_cell.reciprocal_length_a          ? 
_cell.reciprocal_length_b          ? 
_cell.reciprocal_length_c          ? 
_cell.reciprocal_length_a_esd      ? 
_cell.reciprocal_length_b_esd      ? 
_cell.reciprocal_length_c_esd      ? 
_cell.pdbx_unique_axis             ? 
# 
_symmetry.entry_id                         7TLS 
_symmetry.cell_setting                     ? 
_symmetry.Int_Tables_number                4 
_symmetry.space_group_name_Hall            'P 2yb' 
_symmetry.space_group_name_H-M             'P 1 21 1' 
_symmetry.pdbx_full_space_group_name_H-M   ? 
# 
_exptl.absorpt_coefficient_mu     ? 
_exptl.absorpt_correction_T_max   ? 
_exptl.absorpt_correction_T_min   ? 
_exptl.absorpt_correction_type    ? 
_exptl.absorpt_process_details    ? 
_exptl.entry_id                   7TLS 
_exptl.crystals_number            1 
_exptl.details                    ? 
_exptl.method                     'X-RAY DIFFRACTION' 
_exptl.method_details             ? 
# 
_exptl_crystal.colour                      ? 
_exptl_crystal.density_diffrn              ? 
_exptl_crystal.density_Matthews            1.84 
_exptl_crystal.density_method              ? 
_exptl_crystal.density_percent_sol         33.29 
_exptl_crystal.description                 ? 
_exptl_crystal.F_000                       ? 
_exptl_crystal.id                          1 
_exptl_crystal.preparation                 ? 
_exptl_crystal.size_max                    ? 
_exptl_crystal.size_mid                    ? 
_exptl_crystal.size_min                    ? 
_exptl_crystal.size_rad                    ? 
_exptl_crystal.colour_lustre               ? 
_exptl_crystal.colour_modifier             ? 
_exptl_crystal.colour_primary              ? 
_exptl_crystal.density_meas                ? 
_exptl_crystal.density_meas_esd            ? 
_exptl_crystal.density_meas_gt             ? 
_exptl_crystal.density_meas_lt             ? 
_exptl_crystal.density_meas_temp           ? 
_exptl_crystal.density_meas_temp_esd       ? 
_exptl_crystal.density_meas_temp_gt        ? 
_exptl_crystal.density_meas_temp_lt        ? 
_exptl_crystal.pdbx_crystal_image_url      ? 
_exptl_crystal.pdbx_crystal_image_format   ? 
_exptl_crystal.pdbx_mosaicity              ? 
_exptl_crystal.pdbx_mosaicity_esd          ? 
# 
_exptl_crystal_grow.apparatus       ? 
_exptl_crystal_grow.atmosphere      ? 
_exptl_crystal_grow.crystal_id      1 
_exptl_crystal_grow.details         ? 
_exptl_crystal_grow.method          'SLOW COOLING' 
_exptl_crystal_grow.method_ref      ? 
_exptl_crystal_grow.pH              ? 
_exptl_crystal_grow.pressure        ? 
_exptl_crystal_grow.pressure_esd    ? 
_exptl_crystal_grow.seeding         ? 
_exptl_crystal_grow.seeding_ref     ? 
_exptl_crystal_grow.temp            298 
_exptl_crystal_grow.temp_details    ? 
_exptl_crystal_grow.temp_esd        ? 
_exptl_crystal_grow.time            ? 
_exptl_crystal_grow.pdbx_details    'water, acetonitrile' 
_exptl_crystal_grow.pdbx_pH_range   ? 
# 
_diffrn.ambient_environment              ? 
_diffrn.ambient_temp                     100 
_diffrn.ambient_temp_details             ? 
_diffrn.ambient_temp_esd                 ? 
_diffrn.crystal_id                       1 
_diffrn.crystal_support                  ? 
_diffrn.crystal_treatment                ? 
_diffrn.details                          ? 
_diffrn.id                               1 
_diffrn.ambient_pressure                 ? 
_diffrn.ambient_pressure_esd             ? 
_diffrn.ambient_pressure_gt              ? 
_diffrn.ambient_pressure_lt              ? 
_diffrn.ambient_temp_gt                  ? 
_diffrn.ambient_temp_lt                  ? 
_diffrn.pdbx_serial_crystal_experiment   N 
# 
_diffrn_detector.details                      ? 
_diffrn_detector.detector                     PIXEL 
_diffrn_detector.diffrn_id                    1 
_diffrn_detector.type                         'DECTRIS EIGER X 9M' 
_diffrn_detector.area_resol_mean              ? 
_diffrn_detector.dtime                        ? 
_diffrn_detector.pdbx_frames_total            ? 
_diffrn_detector.pdbx_collection_time_total   ? 
_diffrn_detector.pdbx_collection_date         2021-03-05 
_diffrn_detector.pdbx_frequency               ? 
# 
_diffrn_radiation.collimation                      ? 
_diffrn_radiation.diffrn_id                        1 
_diffrn_radiation.filter_edge                      ? 
_diffrn_radiation.inhomogeneity                    ? 
_diffrn_radiation.monochromator                    ? 
_diffrn_radiation.polarisn_norm                    ? 
_diffrn_radiation.polarisn_ratio                   ? 
_diffrn_radiation.probe                            ? 
_diffrn_radiation.type                             ? 
_diffrn_radiation.xray_symbol                      ? 
_diffrn_radiation.wavelength_id                    1 
_diffrn_radiation.pdbx_monochromatic_or_laue_m_l   M 
_diffrn_radiation.pdbx_wavelength_list             ? 
_diffrn_radiation.pdbx_wavelength                  ? 
_diffrn_radiation.pdbx_diffrn_protocol             'SINGLE WAVELENGTH' 
_diffrn_radiation.pdbx_analyzer                    ? 
_diffrn_radiation.pdbx_scattering_type             x-ray 
# 
_diffrn_radiation_wavelength.id           1 
_diffrn_radiation_wavelength.wavelength   0.619 
_diffrn_radiation_wavelength.wt           1.0 
# 
_diffrn_source.current                     ? 
_diffrn_source.details                     ? 
_diffrn_source.diffrn_id                   1 
_diffrn_source.power                       ? 
_diffrn_source.size                        ? 
_diffrn_source.source                      SYNCHROTRON 
_diffrn_source.target                      ? 
_diffrn_source.type                        'APS BEAMLINE 21-ID-D' 
_diffrn_source.voltage                     ? 
_diffrn_source.take-off_angle              ? 
_diffrn_source.pdbx_wavelength_list        0.619 
_diffrn_source.pdbx_wavelength             ? 
_diffrn_source.pdbx_synchrotron_beamline   21-ID-D 
_diffrn_source.pdbx_synchrotron_site       APS 
# 
_reflns.B_iso_Wilson_estimate                          2.93 
_reflns.entry_id                                       7TLS 
_reflns.data_reduction_details                         ? 
_reflns.data_reduction_method                          ? 
_reflns.d_resolution_high                              0.73 
_reflns.d_resolution_low                               11.44 
_reflns.details                                        ? 
_reflns.limit_h_max                                    ? 
_reflns.limit_h_min                                    ? 
_reflns.limit_k_max                                    ? 
_reflns.limit_k_min                                    ? 
_reflns.limit_l_max                                    ? 
_reflns.limit_l_min                                    ? 
_reflns.number_all                                     ? 
_reflns.number_obs                                     13439 
_reflns.observed_criterion                             ? 
_reflns.observed_criterion_F_max                       ? 
_reflns.observed_criterion_F_min                       ? 
_reflns.observed_criterion_I_max                       ? 
_reflns.observed_criterion_I_min                       ? 
_reflns.observed_criterion_sigma_F                     ? 
_reflns.observed_criterion_sigma_I                     ? 
_reflns.percent_possible_obs                           94.49 
_reflns.R_free_details                                 ? 
_reflns.Rmerge_F_all                                   ? 
_reflns.Rmerge_F_obs                                   ? 
_reflns.Friedel_coverage                               ? 
_reflns.number_gt                                      ? 
_reflns.threshold_expression                           ? 
_reflns.pdbx_redundancy                                3.1 
_reflns.pdbx_Rmerge_I_obs                              0.115 
_reflns.pdbx_Rmerge_I_all                              ? 
_reflns.pdbx_Rsym_value                                ? 
_reflns.pdbx_netI_over_av_sigmaI                       ? 
_reflns.pdbx_netI_over_sigmaI                          32.17 
_reflns.pdbx_res_netI_over_av_sigmaI_2                 ? 
_reflns.pdbx_res_netI_over_sigmaI_2                    ? 
_reflns.pdbx_chi_squared                               ? 
_reflns.pdbx_scaling_rejects                           ? 
_reflns.pdbx_d_res_high_opt                            ? 
_reflns.pdbx_d_res_low_opt                             ? 
_reflns.pdbx_d_res_opt_method                          ? 
_reflns.phase_calculation_details                      ? 
_reflns.pdbx_Rrim_I_all                                ? 
_reflns.pdbx_Rpim_I_all                                ? 
_reflns.pdbx_d_opt                                     ? 
_reflns.pdbx_number_measured_all                       ? 
_reflns.pdbx_diffrn_id                                 1 
_reflns.pdbx_ordinal                                   1 
_reflns.pdbx_CC_half                                   0.969 
_reflns.pdbx_CC_star                                   ? 
_reflns.pdbx_R_split                                   ? 
_reflns.pdbx_aniso_diffraction_limit_axis_1_ortho[1]   ? 
_reflns.pdbx_aniso_diffraction_limit_axis_1_ortho[2]   ? 
_reflns.pdbx_aniso_diffraction_limit_axis_1_ortho[3]   ? 
_reflns.pdbx_aniso_diffraction_limit_axis_2_ortho[1]   ? 
_reflns.pdbx_aniso_diffraction_limit_axis_2_ortho[2]   ? 
_reflns.pdbx_aniso_diffraction_limit_axis_2_ortho[3]   ? 
_reflns.pdbx_aniso_diffraction_limit_axis_3_ortho[1]   ? 
_reflns.pdbx_aniso_diffraction_limit_axis_3_ortho[2]   ? 
_reflns.pdbx_aniso_diffraction_limit_axis_3_ortho[3]   ? 
_reflns.pdbx_aniso_diffraction_limit_1                 ? 
_reflns.pdbx_aniso_diffraction_limit_2                 ? 
_reflns.pdbx_aniso_diffraction_limit_3                 ? 
_reflns.pdbx_aniso_B_tensor_eigenvector_1_ortho[1]     ? 
_reflns.pdbx_aniso_B_tensor_eigenvector_1_ortho[2]     ? 
_reflns.pdbx_aniso_B_tensor_eigenvector_1_ortho[3]     ? 
_reflns.pdbx_aniso_B_tensor_eigenvector_2_ortho[1]     ? 
_reflns.pdbx_aniso_B_tensor_eigenvector_2_ortho[2]     ? 
_reflns.pdbx_aniso_B_tensor_eigenvector_2_ortho[3]     ? 
_reflns.pdbx_aniso_B_tensor_eigenvector_3_ortho[1]     ? 
_reflns.pdbx_aniso_B_tensor_eigenvector_3_ortho[2]     ? 
_reflns.pdbx_aniso_B_tensor_eigenvector_3_ortho[3]     ? 
_reflns.pdbx_aniso_B_tensor_eigenvalue_1               ? 
_reflns.pdbx_aniso_B_tensor_eigenvalue_2               ? 
_reflns.pdbx_aniso_B_tensor_eigenvalue_3               ? 
_reflns.pdbx_orthogonalization_convention              ? 
_reflns.pdbx_percent_possible_ellipsoidal              ? 
_reflns.pdbx_percent_possible_spherical                ? 
_reflns.pdbx_percent_possible_ellipsoidal_anomalous    ? 
_reflns.pdbx_percent_possible_spherical_anomalous      ? 
_reflns.pdbx_redundancy_anomalous                      ? 
_reflns.pdbx_CC_half_anomalous                         ? 
_reflns.pdbx_absDiff_over_sigma_anomalous              ? 
_reflns.pdbx_percent_possible_anomalous                ? 
_reflns.pdbx_observed_signal_threshold                 ? 
_reflns.pdbx_signal_type                               ? 
_reflns.pdbx_signal_details                            ? 
_reflns.pdbx_signal_software_id                        ? 
# 
_reflns_shell.d_res_high                                    0.73 
_reflns_shell.d_res_low                                     0.7561 
_reflns_shell.meanI_over_sigI_all                           ? 
_reflns_shell.meanI_over_sigI_obs                           ? 
_reflns_shell.number_measured_all                           ? 
_reflns_shell.number_measured_obs                           ? 
_reflns_shell.number_possible                               ? 
_reflns_shell.number_unique_all                             ? 
_reflns_shell.number_unique_obs                             1286 
_reflns_shell.percent_possible_all                          ? 
_reflns_shell.percent_possible_obs                          ? 
_reflns_shell.Rmerge_F_all                                  ? 
_reflns_shell.Rmerge_F_obs                                  ? 
_reflns_shell.Rmerge_I_all                                  ? 
_reflns_shell.Rmerge_I_obs                                  0.123 
_reflns_shell.meanI_over_sigI_gt                            ? 
_reflns_shell.meanI_over_uI_all                             ? 
_reflns_shell.meanI_over_uI_gt                              ? 
_reflns_shell.number_measured_gt                            ? 
_reflns_shell.number_unique_gt                              ? 
_reflns_shell.percent_possible_gt                           ? 
_reflns_shell.Rmerge_F_gt                                   ? 
_reflns_shell.Rmerge_I_gt                                   ? 
_reflns_shell.pdbx_redundancy                               ? 
_reflns_shell.pdbx_Rsym_value                               ? 
_reflns_shell.pdbx_chi_squared                              ? 
_reflns_shell.pdbx_netI_over_sigmaI_all                     ? 
_reflns_shell.pdbx_netI_over_sigmaI_obs                     ? 
_reflns_shell.pdbx_Rrim_I_all                               ? 
_reflns_shell.pdbx_Rpim_I_all                               ? 
_reflns_shell.pdbx_rejects                                  ? 
_reflns_shell.pdbx_ordinal                                  1 
_reflns_shell.pdbx_diffrn_id                                1 
_reflns_shell.pdbx_CC_half                                  0.969 
_reflns_shell.pdbx_CC_star                                  ? 
_reflns_shell.pdbx_R_split                                  ? 
_reflns_shell.pdbx_percent_possible_ellipsoidal             ? 
_reflns_shell.pdbx_percent_possible_spherical               ? 
_reflns_shell.pdbx_percent_possible_ellipsoidal_anomalous   ? 
_reflns_shell.pdbx_percent_possible_spherical_anomalous     ? 
_reflns_shell.pdbx_redundancy_anomalous                     ? 
_reflns_shell.pdbx_CC_half_anomalous                        ? 
_reflns_shell.pdbx_absDiff_over_sigma_anomalous             ? 
_reflns_shell.pdbx_percent_possible_anomalous               ? 
# 
_refine.aniso_B[1][1]                            ? 
_refine.aniso_B[1][2]                            ? 
_refine.aniso_B[1][3]                            ? 
_refine.aniso_B[2][2]                            ? 
_refine.aniso_B[2][3]                            ? 
_refine.aniso_B[3][3]                            ? 
_refine.B_iso_max                                ? 
_refine.B_iso_mean                               5.09 
_refine.B_iso_min                                ? 
_refine.correlation_coeff_Fo_to_Fc               ? 
_refine.correlation_coeff_Fo_to_Fc_free          ? 
_refine.details                                  ? 
_refine.diff_density_max                         ? 
_refine.diff_density_max_esd                     ? 
_refine.diff_density_min                         ? 
_refine.diff_density_min_esd                     ? 
_refine.diff_density_rms                         ? 
_refine.diff_density_rms_esd                     ? 
_refine.entry_id                                 7TLS 
_refine.pdbx_refine_id                           'X-RAY DIFFRACTION' 
_refine.ls_abs_structure_details                 ? 
_refine.ls_abs_structure_Flack                   ? 
_refine.ls_abs_structure_Flack_esd               ? 
_refine.ls_abs_structure_Rogers                  ? 
_refine.ls_abs_structure_Rogers_esd              ? 
_refine.ls_d_res_high                            0.73 
_refine.ls_d_res_low                             11.44 
_refine.ls_extinction_coef                       ? 
_refine.ls_extinction_coef_esd                   ? 
_refine.ls_extinction_expression                 ? 
_refine.ls_extinction_method                     ? 
_refine.ls_goodness_of_fit_all                   ? 
_refine.ls_goodness_of_fit_all_esd               ? 
_refine.ls_goodness_of_fit_obs                   ? 
_refine.ls_goodness_of_fit_obs_esd               ? 
_refine.ls_hydrogen_treatment                    ? 
_refine.ls_matrix_type                           ? 
_refine.ls_number_constraints                    ? 
_refine.ls_number_parameters                     ? 
_refine.ls_number_reflns_all                     ? 
_refine.ls_number_reflns_obs                     13428 
_refine.ls_number_reflns_R_free                  1333 
_refine.ls_number_reflns_R_work                  12095 
_refine.ls_number_restraints                     ? 
_refine.ls_percent_reflns_obs                    94.47 
_refine.ls_percent_reflns_R_free                 9.93 
_refine.ls_R_factor_all                          ? 
_refine.ls_R_factor_obs                          0.1255 
_refine.ls_R_factor_R_free                       0.1293 
_refine.ls_R_factor_R_free_error                 ? 
_refine.ls_R_factor_R_free_error_details         ? 
_refine.ls_R_factor_R_work                       0.1251 
_refine.ls_R_Fsqd_factor_obs                     ? 
_refine.ls_R_I_factor_obs                        ? 
_refine.ls_redundancy_reflns_all                 ? 
_refine.ls_redundancy_reflns_obs                 ? 
_refine.ls_restrained_S_all                      ? 
_refine.ls_restrained_S_obs                      ? 
_refine.ls_shift_over_esd_max                    ? 
_refine.ls_shift_over_esd_mean                   ? 
_refine.ls_structure_factor_coef                 ? 
_refine.ls_weighting_details                     ? 
_refine.ls_weighting_scheme                      ? 
_refine.ls_wR_factor_all                         ? 
_refine.ls_wR_factor_obs                         ? 
_refine.ls_wR_factor_R_free                      ? 
_refine.ls_wR_factor_R_work                      ? 
_refine.occupancy_max                            ? 
_refine.occupancy_min                            ? 
_refine.solvent_model_details                    'FLAT BULK SOLVENT MODEL' 
_refine.solvent_model_param_bsol                 ? 
_refine.solvent_model_param_ksol                 ? 
_refine.pdbx_R_complete                          ? 
_refine.ls_R_factor_gt                           ? 
_refine.ls_goodness_of_fit_gt                    ? 
_refine.ls_goodness_of_fit_ref                   ? 
_refine.ls_shift_over_su_max                     ? 
_refine.ls_shift_over_su_max_lt                  ? 
_refine.ls_shift_over_su_mean                    ? 
_refine.ls_shift_over_su_mean_lt                 ? 
_refine.pdbx_ls_sigma_I                          ? 
_refine.pdbx_ls_sigma_F                          1.41 
_refine.pdbx_ls_sigma_Fsqd                       ? 
_refine.pdbx_data_cutoff_high_absF               ? 
_refine.pdbx_data_cutoff_high_rms_absF           ? 
_refine.pdbx_data_cutoff_low_absF                ? 
_refine.pdbx_isotropic_thermal_model             ? 
_refine.pdbx_ls_cross_valid_method               'FREE R-VALUE' 
_refine.pdbx_method_to_determine_struct          'AB INITIO PHASING' 
_refine.pdbx_starting_model                      ? 
_refine.pdbx_stereochemistry_target_values       'GeoStd + Monomer Library + CDL v1.2' 
_refine.pdbx_R_Free_selection_details            ? 
_refine.pdbx_stereochem_target_val_spec_case     ? 
_refine.pdbx_overall_ESU_R                       ? 
_refine.pdbx_overall_ESU_R_Free                  ? 
_refine.pdbx_solvent_vdw_probe_radii             1.1100 
_refine.pdbx_solvent_ion_probe_radii             ? 
_refine.pdbx_solvent_shrinkage_radii             0.9000 
_refine.pdbx_real_space_R                        ? 
_refine.pdbx_density_correlation                 ? 
_refine.pdbx_pd_number_of_powder_patterns        ? 
_refine.pdbx_pd_number_of_points                 ? 
_refine.pdbx_pd_meas_number_of_points            ? 
_refine.pdbx_pd_proc_ls_prof_R_factor            ? 
_refine.pdbx_pd_proc_ls_prof_wR_factor           ? 
_refine.pdbx_pd_Marquardt_correlation_coeff      ? 
_refine.pdbx_pd_Fsqrd_R_factor                   ? 
_refine.pdbx_pd_ls_matrix_band_width             ? 
_refine.pdbx_overall_phase_error                 11.5546 
_refine.pdbx_overall_SU_R_free_Cruickshank_DPI   ? 
_refine.pdbx_overall_SU_R_free_Blow_DPI          ? 
_refine.pdbx_overall_SU_R_Blow_DPI               ? 
_refine.pdbx_TLS_residual_ADP_flag               ? 
_refine.pdbx_diffrn_id                           1 
_refine.overall_SU_B                             ? 
_refine.overall_SU_ML                            0.0393 
_refine.overall_SU_R_Cruickshank_DPI             ? 
_refine.overall_SU_R_free                        ? 
_refine.overall_FOM_free_R_set                   ? 
_refine.overall_FOM_work_R_set                   ? 
_refine.pdbx_average_fsc_overall                 ? 
_refine.pdbx_average_fsc_work                    ? 
_refine.pdbx_average_fsc_free                    ? 
# 
_refine_hist.pdbx_refine_id                   'X-RAY DIFFRACTION' 
_refine_hist.cycle_id                         LAST 
_refine_hist.details                          ? 
_refine_hist.d_res_high                       0.73 
_refine_hist.d_res_low                        11.44 
_refine_hist.number_atoms_solvent             5 
_refine_hist.number_atoms_total               114 
_refine_hist.number_reflns_all                ? 
_refine_hist.number_reflns_obs                ? 
_refine_hist.number_reflns_R_free             ? 
_refine_hist.number_reflns_R_work             ? 
_refine_hist.R_factor_all                     ? 
_refine_hist.R_factor_obs                     ? 
_refine_hist.R_factor_R_free                  ? 
_refine_hist.R_factor_R_work                  ? 
_refine_hist.pdbx_number_residues_total       ? 
_refine_hist.pdbx_B_iso_mean_ligand           ? 
_refine_hist.pdbx_B_iso_mean_solvent          ? 
_refine_hist.pdbx_number_atoms_protein        81 
_refine_hist.pdbx_number_atoms_nucleic_acid   0 
_refine_hist.pdbx_number_atoms_ligand         28 
_refine_hist.pdbx_number_atoms_lipid          ? 
_refine_hist.pdbx_number_atoms_carb           ? 
_refine_hist.pdbx_pseudo_atom_details         ? 
# 
loop_
_refine_ls_restr.pdbx_refine_id 
_refine_ls_restr.criterion 
_refine_ls_restr.dev_ideal 
_refine_ls_restr.dev_ideal_target 
_refine_ls_restr.number 
_refine_ls_restr.rejects 
_refine_ls_restr.type 
_refine_ls_restr.weight 
_refine_ls_restr.pdbx_restraint_function 
'X-RAY DIFFRACTION' ? 0.0109  ? 157 ? f_bond_d           ? ? 
'X-RAY DIFFRACTION' ? 2.1480  ? 210 ? f_angle_d          ? ? 
'X-RAY DIFFRACTION' ? 0.0321  ? 10  ? f_chiral_restr     ? ? 
'X-RAY DIFFRACTION' ? 0.0084  ? 24  ? f_plane_restr      ? ? 
'X-RAY DIFFRACTION' ? 43.7442 ? 38  ? f_dihedral_angle_d ? ? 
# 
loop_
_refine_ls_shell.pdbx_refine_id 
_refine_ls_shell.d_res_high 
_refine_ls_shell.d_res_low 
_refine_ls_shell.number_reflns_all 
_refine_ls_shell.number_reflns_obs 
_refine_ls_shell.number_reflns_R_free 
_refine_ls_shell.number_reflns_R_work 
_refine_ls_shell.percent_reflns_obs 
_refine_ls_shell.percent_reflns_R_free 
_refine_ls_shell.R_factor_all 
_refine_ls_shell.R_factor_obs 
_refine_ls_shell.R_factor_R_free 
_refine_ls_shell.R_factor_R_free_error 
_refine_ls_shell.R_factor_R_work 
_refine_ls_shell.redundancy_reflns_all 
_refine_ls_shell.redundancy_reflns_obs 
_refine_ls_shell.wR_factor_all 
_refine_ls_shell.wR_factor_obs 
_refine_ls_shell.wR_factor_R_free 
_refine_ls_shell.wR_factor_R_work 
_refine_ls_shell.pdbx_R_complete 
_refine_ls_shell.pdbx_total_number_of_bins_used 
_refine_ls_shell.pdbx_phase_error 
_refine_ls_shell.pdbx_fsc_work 
_refine_ls_shell.pdbx_fsc_free 
'X-RAY DIFFRACTION' 0.73 0.76  . . 128 1138 90.49 . . . 0.1255 . 0.1188 . . . . . . . . . . . 
'X-RAY DIFFRACTION' 0.76 0.79  . . 133 1149 92.03 . . . 0.1426 . 0.1205 . . . . . . . . . . . 
'X-RAY DIFFRACTION' 0.79 0.82  . . 132 1222 95.35 . . . 0.1503 . 0.1146 . . . . . . . . . . . 
'X-RAY DIFFRACTION' 0.82 0.86  . . 136 1219 95.76 . . . 0.1363 . 0.1177 . . . . . . . . . . . 
'X-RAY DIFFRACTION' 0.87 0.92  . . 120 1143 89.19 . . . 0.1336 . 0.1092 . . . . . . . . . . . 
'X-RAY DIFFRACTION' 0.92 0.99  . . 133 1206 94.90 . . . 0.1001 . 0.1087 . . . . . . . . . . . 
'X-RAY DIFFRACTION' 0.99 1.09  . . 136 1245 97.67 . . . 0.0914 . 0.0969 . . . . . . . . . . . 
'X-RAY DIFFRACTION' 1.09 1.25  . . 136 1254 97.75 . . . 0.1099 . 0.1011 . . . . . . . . . . . 
'X-RAY DIFFRACTION' 1.25 1.57  . . 135 1252 96.93 . . . 0.1301 . 0.1208 . . . . . . . . . . . 
'X-RAY DIFFRACTION' 1.57 11.44 . . 144 1267 94.51 . . . 0.1524 . 0.1615 . . . . . . . . . . . 
# 
_struct.entry_id                     7TLS 
_struct.title                        'Porous framework formed by assembly of a bipyridyl-conjugated helical peptide' 
_struct.pdbx_model_details           ? 
_struct.pdbx_formula_weight          ? 
_struct.pdbx_formula_weight_method   ? 
_struct.pdbx_model_type_details      ? 
_struct.pdbx_CASP_flag               N 
# 
_struct_keywords.entry_id        7TLS 
_struct_keywords.text            'porous, framework, helix, 310, alpha, assembly, bipyridine, UIC-1, DE NOVO PROTEIN' 
_struct_keywords.pdbx_keywords   'DE NOVO PROTEIN' 
# 
loop_
_struct_asym.id 
_struct_asym.pdbx_blank_PDB_chainid_flag 
_struct_asym.pdbx_modified 
_struct_asym.entity_id 
_struct_asym.details 
A N N 1 ? 
B N N 2 ? 
C N N 2 ? 
D N N 2 ? 
E N N 3 ? 
# 
_struct_ref.id                         1 
_struct_ref.db_name                    PDB 
_struct_ref.db_code                    7TLS 
_struct_ref.pdbx_db_accession          7TLS 
_struct_ref.pdbx_db_isoform            ? 
_struct_ref.entity_id                  1 
_struct_ref.pdbx_seq_one_letter_code   ? 
_struct_ref.pdbx_align_begin           1 
# 
_struct_ref_seq.align_id                      1 
_struct_ref_seq.ref_id                        1 
_struct_ref_seq.pdbx_PDB_id_code              7TLS 
_struct_ref_seq.pdbx_strand_id                A 
_struct_ref_seq.seq_align_beg                 1 
_struct_ref_seq.pdbx_seq_align_beg_ins_code   ? 
_struct_ref_seq.seq_align_end                 11 
_struct_ref_seq.pdbx_seq_align_end_ins_code   ? 
_struct_ref_seq.pdbx_db_accession             7TLS 
_struct_ref_seq.db_align_beg                  1 
_struct_ref_seq.pdbx_db_align_beg_ins_code    ? 
_struct_ref_seq.db_align_end                  11 
_struct_ref_seq.pdbx_db_align_end_ins_code    ? 
_struct_ref_seq.pdbx_auth_seq_align_beg       1 
_struct_ref_seq.pdbx_auth_seq_align_end       11 
# 
_pdbx_struct_assembly.id                   1 
_pdbx_struct_assembly.details              software_defined_assembly 
_pdbx_struct_assembly.method_details       PISA 
_pdbx_struct_assembly.oligomeric_details   monomeric 
_pdbx_struct_assembly.oligomeric_count     1 
# 
_pdbx_struct_assembly_gen.assembly_id       1 
_pdbx_struct_assembly_gen.oper_expression   1 
_pdbx_struct_assembly_gen.asym_id_list      A,B,C,D,E 
# 
_pdbx_struct_assembly_auth_evidence.id                     1 
_pdbx_struct_assembly_auth_evidence.assembly_id            1 
_pdbx_struct_assembly_auth_evidence.experimental_support   none 
_pdbx_struct_assembly_auth_evidence.details                ? 
# 
_pdbx_struct_oper_list.id                   1 
_pdbx_struct_oper_list.type                 'identity operation' 
_pdbx_struct_oper_list.name                 1_555 
_pdbx_struct_oper_list.symmetry_operation   x,y,z 
_pdbx_struct_oper_list.matrix[1][1]         1.0000000000 
_pdbx_struct_oper_list.matrix[1][2]         0.0000000000 
_pdbx_struct_oper_list.matrix[1][3]         0.0000000000 
_pdbx_struct_oper_list.vector[1]            0.0000000000 
_pdbx_struct_oper_list.matrix[2][1]         0.0000000000 
_pdbx_struct_oper_list.matrix[2][2]         1.0000000000 
_pdbx_struct_oper_list.matrix[2][3]         0.0000000000 
_pdbx_struct_oper_list.vector[2]            0.0000000000 
_pdbx_struct_oper_list.matrix[3][1]         0.0000000000 
_pdbx_struct_oper_list.matrix[3][2]         0.0000000000 
_pdbx_struct_oper_list.matrix[3][3]         1.0000000000 
_pdbx_struct_oper_list.vector[3]            0.0000000000 
# 
_struct_conf.conf_type_id            HELX_P 
_struct_conf.id                      HELX_P1 
_struct_conf.pdbx_PDB_helix_id       AA1 
_struct_conf.beg_label_comp_id       LEU 
_struct_conf.beg_label_asym_id       A 
_struct_conf.beg_label_seq_id        2 
_struct_conf.pdbx_beg_PDB_ins_code   ? 
_struct_conf.end_label_comp_id       GLN 
_struct_conf.end_label_asym_id       A 
_struct_conf.end_label_seq_id        8 
_struct_conf.pdbx_end_PDB_ins_code   ? 
_struct_conf.beg_auth_comp_id        LEU 
_struct_conf.beg_auth_asym_id        A 
_struct_conf.beg_auth_seq_id         2 
_struct_conf.end_auth_comp_id        GLN 
_struct_conf.end_auth_asym_id        A 
_struct_conf.end_auth_seq_id         8 
_struct_conf.pdbx_PDB_helix_class    1 
_struct_conf.details                 ? 
_struct_conf.pdbx_PDB_helix_length   7 
# 
_struct_conf_type.id          HELX_P 
_struct_conf_type.criteria    ? 
_struct_conf_type.reference   ? 
# 
loop_
_struct_conn.id 
_struct_conn.conn_type_id 
_struct_conn.pdbx_leaving_atom_flag 
_struct_conn.pdbx_PDB_id 
_struct_conn.ptnr1_label_asym_id 
_struct_conn.ptnr1_label_comp_id 
_struct_conn.ptnr1_label_seq_id 
_struct_conn.ptnr1_label_atom_id 
_struct_conn.pdbx_ptnr1_label_alt_id 
_struct_conn.pdbx_ptnr1_PDB_ins_code 
_struct_conn.pdbx_ptnr1_standard_comp_id 
_struct_conn.ptnr1_symmetry 
_struct_conn.ptnr2_label_asym_id 
_struct_conn.ptnr2_label_comp_id 
_struct_conn.ptnr2_label_seq_id 
_struct_conn.ptnr2_label_atom_id 
_struct_conn.pdbx_ptnr2_label_alt_id 
_struct_conn.pdbx_ptnr2_PDB_ins_code 
_struct_conn.ptnr1_auth_asym_id 
_struct_conn.ptnr1_auth_comp_id 
_struct_conn.ptnr1_auth_seq_id 
_struct_conn.ptnr2_auth_asym_id 
_struct_conn.ptnr2_auth_comp_id 
_struct_conn.ptnr2_auth_seq_id 
_struct_conn.ptnr2_symmetry 
_struct_conn.pdbx_ptnr3_label_atom_id 
_struct_conn.pdbx_ptnr3_label_seq_id 
_struct_conn.pdbx_ptnr3_label_comp_id 
_struct_conn.pdbx_ptnr3_label_asym_id 
_struct_conn.pdbx_ptnr3_label_alt_id 
_struct_conn.pdbx_ptnr3_PDB_ins_code 
_struct_conn.details 
_struct_conn.pdbx_dist_value 
_struct_conn.pdbx_value_order 
_struct_conn.pdbx_role 
covale1  covale one  ? A I6W 1  C02 A ? ? 1_555 A LEU 2  N   ? ? A I6W 1  A LEU 2  1_555 ? ? ? ? ? ? ? 1.416 ? ? 
covale2  covale one  ? A I6W 1  C02 B ? ? 1_555 A LEU 2  N   ? ? A I6W 1  A LEU 2  1_555 ? ? ? ? ? ? ? 1.429 ? ? 
covale3  covale both ? A LEU 2  C   ? ? ? 1_555 A AIB 3  N   ? ? A LEU 2  A AIB 3  1_555 ? ? ? ? ? ? ? 1.336 ? ? 
covale4  covale both ? A AIB 3  C   ? ? ? 1_555 A ALA 4  N   ? ? A AIB 3  A ALA 4  1_555 ? ? ? ? ? ? ? 1.334 ? ? 
covale5  covale both ? A ALA 4  C   ? ? ? 1_555 A AIB 5  N   ? ? A ALA 4  A AIB 5  1_555 ? ? ? ? ? ? ? 1.335 ? ? 
covale6  covale both ? A AIB 5  C   ? ? ? 1_555 A LEU 6  N   ? ? A AIB 5  A LEU 6  1_555 ? ? ? ? ? ? ? 1.342 ? ? 
covale7  covale both ? A LEU 6  C   ? ? ? 1_555 A AIB 7  N   ? ? A LEU 6  A AIB 7  1_555 ? ? ? ? ? ? ? 1.338 ? ? 
covale8  covale both ? A AIB 7  C   ? ? ? 1_555 A GLN 8  N   ? ? A AIB 7  A GLN 8  1_555 ? ? ? ? ? ? ? 1.342 ? ? 
covale9  covale both ? A GLN 8  C   ? ? ? 1_555 A AIB 9  N   ? ? A GLN 8  A AIB 9  1_555 ? ? ? ? ? ? ? 1.342 ? ? 
covale10 covale both ? A AIB 9  C   ? ? ? 1_555 A LEU 10 N   A ? A AIB 9  A LEU 10 1_555 ? ? ? ? ? ? ? 1.317 ? ? 
covale11 covale both ? A AIB 9  C   ? ? ? 1_555 A LEU 10 N   B ? A AIB 9  A LEU 10 1_555 ? ? ? ? ? ? ? 1.359 ? ? 
covale12 covale one  ? A LEU 10 C   A ? ? 1_555 A I77 11 N15 A ? A LEU 10 A I77 11 1_555 ? ? ? ? ? ? ? 1.432 ? ? 
covale13 covale one  ? A LEU 10 C   B ? ? 1_555 A I77 11 N15 B ? A LEU 10 A I77 11 1_555 ? ? ? ? ? ? ? 1.425 ? ? 
# 
_struct_conn_type.id          covale 
_struct_conn_type.criteria    ? 
_struct_conn_type.reference   ? 
# 
_pdbx_entry_details.entry_id                   7TLS 
_pdbx_entry_details.has_ligand_of_interest     N 
_pdbx_entry_details.compound_details           ? 
_pdbx_entry_details.source_details             ? 
_pdbx_entry_details.nonpolymer_details         ? 
_pdbx_entry_details.sequence_details           ? 
_pdbx_entry_details.has_protein_modification   ? 
# 
loop_
_space_group_symop.id 
_space_group_symop.operation_xyz 
1 x,y,z       
2 -x,y+1/2,-z 
# 
loop_
_chem_comp_atom.comp_id 
_chem_comp_atom.atom_id 
_chem_comp_atom.type_symbol 
_chem_comp_atom.pdbx_aromatic_flag 
_chem_comp_atom.pdbx_stereo_config 
_chem_comp_atom.pdbx_ordinal 
AIB N    N N N 1   
AIB CA   C N N 2   
AIB C    C N N 3   
AIB O    O N N 4   
AIB OXT  O N N 5   
AIB CB1  C N N 6   
AIB CB2  C N N 7   
AIB H    H N N 8   
AIB H2   H N N 9   
AIB HXT  H N N 10  
AIB HB11 H N N 11  
AIB HB12 H N N 12  
AIB HB13 H N N 13  
AIB HB21 H N N 14  
AIB HB22 H N N 15  
AIB HB23 H N N 16  
ALA N    N N N 17  
ALA CA   C N S 18  
ALA C    C N N 19  
ALA O    O N N 20  
ALA CB   C N N 21  
ALA OXT  O N N 22  
ALA H    H N N 23  
ALA H2   H N N 24  
ALA HA   H N N 25  
ALA HB1  H N N 26  
ALA HB2  H N N 27  
ALA HB3  H N N 28  
ALA HXT  H N N 29  
CCN N    N N N 30  
CCN C1   C N N 31  
CCN C2   C N N 32  
CCN H21  H N N 33  
CCN H22  H N N 34  
CCN H23  H N N 35  
GLN N    N N N 36  
GLN CA   C N S 37  
GLN C    C N N 38  
GLN O    O N N 39  
GLN CB   C N N 40  
GLN CG   C N N 41  
GLN CD   C N N 42  
GLN OE1  O N N 43  
GLN NE2  N N N 44  
GLN OXT  O N N 45  
GLN H    H N N 46  
GLN H2   H N N 47  
GLN HA   H N N 48  
GLN HB2  H N N 49  
GLN HB3  H N N 50  
GLN HG2  H N N 51  
GLN HG3  H N N 52  
GLN HE21 H N N 53  
GLN HE22 H N N 54  
GLN HXT  H N N 55  
HOH O    O N N 56  
HOH H1   H N N 57  
HOH H2   H N N 58  
I6W C05  C Y N 59  
I6W C08  C Y N 60  
I6W C09  C Y N 61  
I6W N10  N Y N 62  
I6W C02  C N N 63  
I6W C03  C Y N 64  
I6W C04  C Y N 65  
I6W C06  C Y N 66  
I6W C11  C Y N 67  
I6W C12  C Y N 68  
I6W C13  C N N 69  
I6W C15  C N N 70  
I6W C16  C N N 71  
I6W C18  C Y N 72  
I6W C19  C Y N 73  
I6W N07  N Y N 74  
I6W O01  O N N 75  
I6W O14  O N N 76  
I6W O17  O N N 77  
I6W H051 H N N 78  
I6W H1   H N N 79  
I6W H041 H N N 80  
I6W H061 H N N 81  
I6W H111 H N N 82  
I6W H152 H N N 83  
I6W H151 H N N 84  
I6W H162 H N N 85  
I6W H163 H N N 86  
I6W H161 H N N 87  
I6W H181 H N N 88  
I6W H191 H N N 89  
I77 C11  C Y N 90  
I77 C12  C Y N 91  
I77 C13  C N N 92  
I77 C17  C Y N 93  
I77 C18  C Y N 94  
I77 C02  C N N 95  
I77 C03  C Y N 96  
I77 C04  C Y N 97  
I77 C05  C Y N 98  
I77 C06  C Y N 99  
I77 C08  C Y N 100 
I77 C09  C Y N 101 
I77 N01  N N N 102 
I77 N07  N Y N 103 
I77 N10  N Y N 104 
I77 N14  N N N 105 
I77 N15  N N N 106 
I77 O16  O N N 107 
I77 O19  O N N 108 
I77 H111 H N N 109 
I77 H171 H N N 110 
I77 H181 H N N 111 
I77 H041 H N N 112 
I77 H051 H N N 113 
I77 H061 H N N 114 
I77 H011 H N N 115 
I77 H012 H N N 116 
I77 H141 H N N 117 
I77 H1   H N N 118 
I77 H2   H N N 119 
LEU N    N N N 120 
LEU CA   C N S 121 
LEU C    C N N 122 
LEU O    O N N 123 
LEU CB   C N N 124 
LEU CG   C N N 125 
LEU CD1  C N N 126 
LEU CD2  C N N 127 
LEU OXT  O N N 128 
LEU H    H N N 129 
LEU H2   H N N 130 
LEU HA   H N N 131 
LEU HB2  H N N 132 
LEU HB3  H N N 133 
LEU HG   H N N 134 
LEU HD11 H N N 135 
LEU HD12 H N N 136 
LEU HD13 H N N 137 
LEU HD21 H N N 138 
LEU HD22 H N N 139 
LEU HD23 H N N 140 
LEU HXT  H N N 141 
# 
loop_
_chem_comp_bond.comp_id 
_chem_comp_bond.atom_id_1 
_chem_comp_bond.atom_id_2 
_chem_comp_bond.value_order 
_chem_comp_bond.pdbx_aromatic_flag 
_chem_comp_bond.pdbx_stereo_config 
_chem_comp_bond.pdbx_ordinal 
AIB N   CA   sing N N 1   
AIB N   H    sing N N 2   
AIB N   H2   sing N N 3   
AIB CA  C    sing N N 4   
AIB CA  CB1  sing N N 5   
AIB CA  CB2  sing N N 6   
AIB C   O    doub N N 7   
AIB C   OXT  sing N N 8   
AIB OXT HXT  sing N N 9   
AIB CB1 HB11 sing N N 10  
AIB CB1 HB12 sing N N 11  
AIB CB1 HB13 sing N N 12  
AIB CB2 HB21 sing N N 13  
AIB CB2 HB22 sing N N 14  
AIB CB2 HB23 sing N N 15  
ALA N   CA   sing N N 16  
ALA N   H    sing N N 17  
ALA N   H2   sing N N 18  
ALA CA  C    sing N N 19  
ALA CA  CB   sing N N 20  
ALA CA  HA   sing N N 21  
ALA C   O    doub N N 22  
ALA C   OXT  sing N N 23  
ALA CB  HB1  sing N N 24  
ALA CB  HB2  sing N N 25  
ALA CB  HB3  sing N N 26  
ALA OXT HXT  sing N N 27  
CCN N   C1   trip N N 28  
CCN C1  C2   sing N N 29  
CCN C2  H21  sing N N 30  
CCN C2  H22  sing N N 31  
CCN C2  H23  sing N N 32  
GLN N   CA   sing N N 33  
GLN N   H    sing N N 34  
GLN N   H2   sing N N 35  
GLN CA  C    sing N N 36  
GLN CA  CB   sing N N 37  
GLN CA  HA   sing N N 38  
GLN C   O    doub N N 39  
GLN C   OXT  sing N N 40  
GLN CB  CG   sing N N 41  
GLN CB  HB2  sing N N 42  
GLN CB  HB3  sing N N 43  
GLN CG  CD   sing N N 44  
GLN CG  HG2  sing N N 45  
GLN CG  HG3  sing N N 46  
GLN CD  OE1  doub N N 47  
GLN CD  NE2  sing N N 48  
GLN NE2 HE21 sing N N 49  
GLN NE2 HE22 sing N N 50  
GLN OXT HXT  sing N N 51  
HOH O   H1   sing N N 52  
HOH O   H2   sing N N 53  
I6W O01 C02  doub N N 54  
I6W C02 C03  sing N N 55  
I6W C03 C06  doub Y N 56  
I6W C03 C04  sing Y N 57  
I6W C06 N07  sing Y N 58  
I6W C04 C05  doub Y N 59  
I6W N07 C08  doub Y N 60  
I6W C05 C08  sing Y N 61  
I6W C08 C09  sing N N 62  
I6W C09 C19  doub Y N 63  
I6W C09 N10  sing Y N 64  
I6W C19 C18  sing Y N 65  
I6W N10 C11  doub Y N 66  
I6W C18 C12  doub Y N 67  
I6W C11 C12  sing Y N 68  
I6W C12 C13  sing N N 69  
I6W C13 O17  doub N N 70  
I6W C13 O14  sing N N 71  
I6W O14 C15  sing N N 72  
I6W C15 C16  sing N N 73  
I6W C05 H051 sing N N 74  
I6W C02 H1   sing N N 75  
I6W C04 H041 sing N N 76  
I6W C06 H061 sing N N 77  
I6W C11 H111 sing N N 78  
I6W C15 H152 sing N N 79  
I6W C15 H151 sing N N 80  
I6W C16 H162 sing N N 81  
I6W C16 H163 sing N N 82  
I6W C16 H161 sing N N 83  
I6W C18 H181 sing N N 84  
I6W C19 H191 sing N N 85  
I77 N15 N14  sing N N 86  
I77 O16 C13  doub N N 87  
I77 N14 C13  sing N N 88  
I77 C13 C12  sing N N 89  
I77 C12 C17  doub Y N 90  
I77 C12 C11  sing Y N 91  
I77 C17 C18  sing Y N 92  
I77 C11 N10  doub Y N 93  
I77 C18 C09  doub Y N 94  
I77 N10 C09  sing Y N 95  
I77 C09 C08  sing N N 96  
I77 C08 N07  doub Y N 97  
I77 C08 C05  sing Y N 98  
I77 N07 C06  sing Y N 99  
I77 C05 C04  doub Y N 100 
I77 C06 C03  doub Y N 101 
I77 C04 C03  sing Y N 102 
I77 C03 C02  sing N N 103 
I77 C02 N01  sing N N 104 
I77 C02 O19  doub N N 105 
I77 C11 H111 sing N N 106 
I77 C17 H171 sing N N 107 
I77 C18 H181 sing N N 108 
I77 C04 H041 sing N N 109 
I77 C05 H051 sing N N 110 
I77 C06 H061 sing N N 111 
I77 N01 H011 sing N N 112 
I77 N01 H012 sing N N 113 
I77 N14 H141 sing N N 114 
I77 N15 H1   sing N N 115 
I77 N15 H2   sing N N 116 
LEU N   CA   sing N N 117 
LEU N   H    sing N N 118 
LEU N   H2   sing N N 119 
LEU CA  C    sing N N 120 
LEU CA  CB   sing N N 121 
LEU CA  HA   sing N N 122 
LEU C   O    doub N N 123 
LEU C   OXT  sing N N 124 
LEU CB  CG   sing N N 125 
LEU CB  HB2  sing N N 126 
LEU CB  HB3  sing N N 127 
LEU CG  CD1  sing N N 128 
LEU CG  CD2  sing N N 129 
LEU CG  HG   sing N N 130 
LEU CD1 HD11 sing N N 131 
LEU CD1 HD12 sing N N 132 
LEU CD1 HD13 sing N N 133 
LEU CD2 HD21 sing N N 134 
LEU CD2 HD22 sing N N 135 
LEU CD2 HD23 sing N N 136 
LEU OXT HXT  sing N N 137 
# 
_pdbx_audit_support.funding_organization   'Department of Energy (DOE, United States)' 
_pdbx_audit_support.country                ? 
_pdbx_audit_support.grant_number           DE-AC02-06CH11357 
_pdbx_audit_support.ordinal                1 
# 
_space_group.name_H-M_alt     'P 1 21 1' 
_space_group.name_Hall        'P 2yb' 
_space_group.IT_number        4 
_space_group.crystal_system   monoclinic 
_space_group.id               1 
# 
_atom_sites.entry_id                    7TLS 
_atom_sites.Cartn_transf_matrix[1][1]   ? 
_atom_sites.Cartn_transf_matrix[1][2]   ? 
_atom_sites.Cartn_transf_matrix[1][3]   ? 
_atom_sites.Cartn_transf_matrix[2][1]   ? 
_atom_sites.Cartn_transf_matrix[2][2]   ? 
_atom_sites.Cartn_transf_matrix[2][3]   ? 
_atom_sites.Cartn_transf_matrix[3][1]   ? 
_atom_sites.Cartn_transf_matrix[3][2]   ? 
_atom_sites.Cartn_transf_matrix[3][3]   ? 
_atom_sites.Cartn_transf_vector[1]      ? 
_atom_sites.Cartn_transf_vector[2]      ? 
_atom_sites.Cartn_transf_vector[3]      ? 
_atom_sites.fract_transf_matrix[1][1]   0.06245749 
_atom_sites.fract_transf_matrix[1][2]   -0.03875667 
_atom_sites.fract_transf_matrix[1][3]   -0.00027876 
_atom_sites.fract_transf_matrix[2][1]   0.03476550 
_atom_sites.fract_transf_matrix[2][2]   0.05577611 
_atom_sites.fract_transf_matrix[2][3]   0.03468795 
_atom_sites.fract_transf_matrix[3][1]   -0.00360427 
_atom_sites.fract_transf_matrix[3][2]   -0.01760189 
_atom_sites.fract_transf_matrix[3][3]   0.03191509 
_atom_sites.fract_transf_vector[1]      0.864461 
_atom_sites.fract_transf_vector[2]      0.677219 
_atom_sites.fract_transf_vector[3]      0.668447 
_atom_sites.solution_primary            ? 
_atom_sites.solution_secondary          ? 
_atom_sites.solution_hydrogens          ? 
_atom_sites.special_details             ? 
# 
loop_
_atom_type.symbol 
_atom_type.scat_dispersion_real 
_atom_type.scat_dispersion_imag 
_atom_type.scat_Cromer_Mann_a1 
_atom_type.scat_Cromer_Mann_a2 
_atom_type.scat_Cromer_Mann_a3 
_atom_type.scat_Cromer_Mann_a4 
_atom_type.scat_Cromer_Mann_b1 
_atom_type.scat_Cromer_Mann_b2 
_atom_type.scat_Cromer_Mann_b3 
_atom_type.scat_Cromer_Mann_b4 
_atom_type.scat_Cromer_Mann_c 
_atom_type.scat_source 
_atom_type.scat_dispersion_source 
C ? ? 2.51340 1.74867 1.72398 ? 31.80534 0.44561  10.58317 ? 0.0 
;3-Gaussian fit: Grosse-Kunstleve RW, Sauter NK, Adams PD: Newsletter of the IUCr Commission on Crystallographic Computing 2004, 3, 22-31.
;
? 
H ? ? 0.53795 0.34799 0.11320 ? 10.08003 29.74760 2.57510  ? 0.0 
;3-Gaussian fit: Grosse-Kunstleve RW, Sauter NK, Adams PD: Newsletter of the IUCr Commission on Crystallographic Computing 2004, 3, 22-31.
;
? 
N ? ? 2.99955 2.25584 1.72788 ? 23.27268 7.45433  0.31622  ? 0.0 
;3-Gaussian fit: Grosse-Kunstleve RW, Sauter NK, Adams PD: Newsletter of the IUCr Commission on Crystallographic Computing 2004, 3, 22-31.
;
? 
O ? ? 3.21184 3.04156 1.73156 ? 18.83700 5.90590  0.24126  ? 0.0 
;3-Gaussian fit: Grosse-Kunstleve RW, Sauter NK, Adams PD: Newsletter of the IUCr Commission on Crystallographic Computing 2004, 3, 22-31.
;
? 
# 
loop_
_atom_site.group_PDB 
_atom_site.id 
_atom_site.type_symbol 
_atom_site.label_atom_id 
_atom_site.label_alt_id 
_atom_site.label_comp_id 
_atom_site.label_asym_id 
_atom_site.label_entity_id 
_atom_site.label_seq_id 
_atom_site.pdbx_PDB_ins_code 
_atom_site.Cartn_x 
_atom_site.Cartn_y 
_atom_site.Cartn_z 
_atom_site.occupancy 
_atom_site.B_iso_or_equiv 
_atom_site.pdbx_formal_charge 
_atom_site.auth_seq_id 
_atom_site.auth_comp_id 
_atom_site.auth_asym_id 
_atom_site.auth_atom_id 
_atom_site.pdbx_PDB_model_num 
HETATM 1   C C05  A I6W A 1 1  ? 7.19359   -1.66972 7.18194  0.530 4.53000  ? 1   I6W A C05  1 
HETATM 2   C C05  B I6W A 1 1  ? 6.65185   -1.45447 7.41735  0.350 4.83000  ? 1   I6W A C05  1 
HETATM 3   C C08  A I6W A 1 1  ? 8.40265   -2.24729 7.04241  0.530 3.73000  ? 1   I6W A C08  1 
HETATM 4   C C08  B I6W A 1 1  ? 7.82899   -2.14165 7.36179  0.350 4.74000  ? 1   I6W A C08  1 
HETATM 5   C C09  A I6W A 1 1  ? 8.84742   -3.17100 8.14619  0.530 4.78000  ? 1   I6W A C09  1 
HETATM 6   C C09  B I6W A 1 1  ? 8.23077   -3.07040 8.48892  0.350 4.50000  ? 1   I6W A C09  1 
HETATM 7   N N10  A I6W A 1 1  ? 8.02090   -3.43468 9.13074  0.530 5.03000  ? 1   I6W A N10  1 
HETATM 8   N N10  B I6W A 1 1  ? 7.47368   -3.17095 9.55292  0.350 5.82000  ? 1   I6W A N10  1 
HETATM 9   C C02  A I6W A 1 1  ? 6.90586   0.30140  4.05021  0.530 3.90000  ? 1   I6W A C02  1 
HETATM 10  C C02  B I6W A 1 1  ? 6.88676   0.28777  4.04627  0.350 4.15000  ? 1   I6W A C02  1 
HETATM 11  C C03  A I6W A 1 1  ? 7.55677   -0.60812 5.08525  0.530 3.00000  ? 1   I6W A C03  1 
HETATM 12  C C03  B I6W A 1 1  ? 7.17594   -0.57355 5.28280  0.350 4.57000  ? 1   I6W A C03  1 
HETATM 13  C C04  A I6W A 1 1  ? 6.73932   -0.82645 6.17846  0.530 5.34000  ? 1   I6W A C04  1 
HETATM 14  C C04  B I6W A 1 1  ? 6.29571   -0.62344 6.34591  0.350 5.10000  ? 1   I6W A C04  1 
HETATM 15  C C06  A I6W A 1 1  ? 8.79577   -1.22722 4.99964  0.530 2.85000  ? 1   I6W A C06  1 
HETATM 16  C C06  B I6W A 1 1  ? 8.33988   -1.30496 5.29660  0.350 4.76000  ? 1   I6W A C06  1 
HETATM 17  C C11  A I6W A 1 1  ? 8.34323   -4.23972 10.11285 0.530 4.80000  ? 1   I6W A C11  1 
HETATM 18  C C11  B I6W A 1 1  ? 7.75943   -3.98307 10.54881 0.350 6.21000  ? 1   I6W A C11  1 
HETATM 19  C C12  A I6W A 1 1  ? 9.57938   -4.85181 10.10881 0.530 6.73000  ? 1   I6W A C12  1 
HETATM 20  C C12  B I6W A 1 1  ? 8.88605   -4.78323 10.47917 0.350 7.69000  ? 1   I6W A C12  1 
HETATM 21  C C13  A I6W A 1 1  ? 9.96291   -5.79545 11.27387 0.530 9.30000  ? 1   I6W A C13  1 
HETATM 22  C C13  B I6W A 1 1  ? 9.23096   -5.75770 11.64467 0.350 9.24000  ? 1   I6W A C13  1 
HETATM 23  C C15  A I6W A 1 1  ? 9.46064   -6.80244 13.36431 0.530 9.45000  ? 1   I6W A C15  1 
HETATM 24  C C15  B I6W A 1 1  ? 8.87746   -6.50728 13.91338 0.350 12.99000 ? 1   I6W A C15  1 
HETATM 25  C C16  A I6W A 1 1  ? 9.72650   -8.27661 12.96803 0.530 12.57000 ? 1   I6W A C16  1 
HETATM 26  C C16  B I6W A 1 1  ? 9.27613   -7.97732 13.62160 0.350 12.00000 ? 1   I6W A C16  1 
HETATM 27  C C18  A I6W A 1 1  ? 10.46550  -4.62674 9.09019  0.530 6.29000  ? 1   I6W A C18  1 
HETATM 28  C C18  B I6W A 1 1  ? 9.69281   -4.73097 9.37234  0.350 7.01000  ? 1   I6W A C18  1 
HETATM 29  C C19  A I6W A 1 1  ? 10.08068  -3.76669 8.06939  0.530 5.92000  ? 1   I6W A C19  1 
HETATM 30  C C19  B I6W A 1 1  ? 9.34989   -3.85627 8.34599  0.350 7.01000  ? 1   I6W A C19  1 
HETATM 31  N N07  A I6W A 1 1  ? 9.18463   -2.04135 5.98540  0.530 3.86000  ? 1   I6W A N07  1 
HETATM 32  N N07  B I6W A 1 1  ? 8.63918   -2.07865 6.32210  0.350 4.07000  ? 1   I6W A N07  1 
HETATM 33  O O01  A I6W A 1 1  ? 5.71535   0.47725  3.99439  0.530 3.80000  ? 1   I6W A O01  1 
HETATM 34  O O01  B I6W A 1 1  ? 5.75908   0.66768  3.88860  0.350 4.09000  ? 1   I6W A O01  1 
HETATM 35  O O14  A I6W A 1 1  ? 8.95076   -6.11421 12.21167 0.530 7.50000  ? 1   I6W A O14  1 
HETATM 36  O O14  B I6W A 1 1  ? 8.33782   -5.86912 12.74468 0.350 9.73000  ? 1   I6W A O14  1 
HETATM 37  O O17  A I6W A 1 1  ? 11.05188  -6.22106 11.37671 0.530 14.35000 ? 1   I6W A O17  1 
HETATM 38  O O17  B I6W A 1 1  ? 10.20004  -6.41640 11.58476 0.350 8.16000  ? 1   I6W A O17  1 
HETATM 39  H H051 A I6W A 1 1  ? 6.59659   -1.85717 8.04740  0.530 5.44000  ? 1   I6W A H051 1 
HETATM 40  H H051 B I6W A 1 1  ? 6.01052   -1.54813 8.26641  0.350 5.80000  ? 1   I6W A H051 1 
HETATM 41  H H041 A I6W A 1 1  ? 5.73638   -0.33468 6.25150  0.530 6.41000  ? 1   I6W A H041 1 
HETATM 42  H H041 B I6W A 1 1  ? 5.34687   -0.02858 6.35109  0.350 6.12000  ? 1   I6W A H041 1 
HETATM 43  H H061 A I6W A 1 1  ? 9.43973   -1.05148 4.14450  0.530 3.42000  ? 1   I6W A H061 1 
HETATM 44  H H061 B I6W A 1 1  ? 9.02127   -1.24347 4.45268  0.350 5.71000  ? 1   I6W A H061 1 
HETATM 45  H H111 A I6W A 1 1  ? 7.65626   -4.42085 10.90622 0.530 5.76000  ? 1   I6W A H111 1 
HETATM 46  H H111 B I6W A 1 1  ? 7.12681   -4.02245 11.40469 0.350 7.45000  ? 1   I6W A H111 1 
HETATM 47  H H152 A I6W A 1 1  ? 8.73276   -6.76368 14.16646 0.530 11.34000 ? 1   I6W A H152 1 
HETATM 48  H H152 B I6W A 1 1  ? 8.13118   -6.49367 14.69729 0.350 15.59000 ? 1   I6W A H152 1 
HETATM 49  H H151 A I6W A 1 1  ? 10.38453  -6.33843 13.68899 0.530 11.34000 ? 1   I6W A H151 1 
HETATM 50  H H151 B I6W A 1 1  ? 9.75540   -5.96225 14.23739 0.350 15.59000 ? 1   I6W A H151 1 
HETATM 51  H H162 A I6W A 1 1  ? 9.00024   -8.93263 13.48243 0.530 15.08000 ? 1   I6W A H162 1 
HETATM 52  H H162 B I6W A 1 1  ? 10.34857  -8.12025 13.85208 0.350 14.40000 ? 1   I6W A H162 1 
HETATM 53  H H163 A I6W A 1 1  ? 10.75369  -8.55799 13.26509 0.530 15.08000 ? 1   I6W A H163 1 
HETATM 54  H H163 B I6W A 1 1  ? 9.09481   -8.20249 12.55428 0.350 14.40000 ? 1   I6W A H163 1 
HETATM 55  H H161 A I6W A 1 1  ? 9.61449   -8.38923 11.87308 0.530 15.08000 ? 1   I6W A H161 1 
HETATM 56  H H161 B I6W A 1 1  ? 8.67018   -8.65481 14.25135 0.350 14.40000 ? 1   I6W A H161 1 
HETATM 57  H H181 A I6W A 1 1  ? 11.44396  -5.10718 9.07916  0.530 7.55000  ? 1   I6W A H181 1 
HETATM 58  H H181 B I6W A 1 1  ? 10.58211  -5.35816 9.29671  0.350 8.41000  ? 1   I6W A H181 1 
HETATM 59  H H191 A I6W A 1 1  ? 10.74121  -3.57027 7.22867  0.530 7.10000  ? 1   I6W A H191 1 
HETATM 60  H H191 B I6W A 1 1  ? 9.95681   -3.79452 7.44560  0.350 8.41000  ? 1   I6W A H191 1 
ATOM   61  N N    . LEU A 1 2  ? 7.82526   0.65640  3.03356  1.000 3.63201  ? 2   LEU A N    1 
ATOM   62  C CA   . LEU A 1 2  ? 7.26513   1.44020  1.97041  1.000 2.77402  ? 2   LEU A CA   1 
ATOM   63  C C    . LEU A 1 2  ? 6.20125   0.66197  1.18580  1.000 2.33712  ? 2   LEU A C    1 
ATOM   64  O O    . LEU A 1 2  ? 5.18248   1.23470  0.79103  1.000 2.37134  ? 2   LEU A O    1 
ATOM   65  C CB   . LEU A 1 2  ? 8.41654   1.87275  1.05716  1.000 3.42673  ? 2   LEU A CB   1 
ATOM   66  C CG   . LEU A 1 2  ? 7.99550   2.66844  -0.17307 1.000 3.88468  ? 2   LEU A CG   1 
ATOM   67  C CD1  . LEU A 1 2  ? 7.27006   3.95484  0.18021  1.000 4.49264  ? 2   LEU A CD1  1 
ATOM   68  C CD2  . LEU A 1 2  ? 9.22732   2.99484  -1.03480 1.000 5.08745  ? 2   LEU A CD2  1 
ATOM   69  H H    . LEU A 1 2  ? 8.42528   0.10113  2.77442  1.000 4.36000  ? 2   LEU A H    1 
ATOM   70  H HA   . LEU A 1 2  ? 6.81506   2.22416  2.32212  1.000 3.33000  ? 2   LEU A HA   1 
ATOM   71  H HB2  . LEU A 1 2  ? 9.02267   2.42801  1.57071  1.000 4.11000  ? 2   LEU A HB2  1 
ATOM   72  H HB3  . LEU A 1 2  ? 8.87662   1.07671  0.74697  1.000 4.11000  ? 2   LEU A HB3  1 
ATOM   73  H HG   . LEU A 1 2  ? 7.37427   2.12023  -0.67640 1.000 4.66000  ? 2   LEU A HG   1 
ATOM   74  H HD11 . LEU A 1 2  ? 7.81427   4.70994  -0.09469 1.000 5.39000  ? 2   LEU A HD11 1 
ATOM   75  H HD12 . LEU A 1 2  ? 6.41833   3.97425  -0.28283 1.000 5.39000  ? 2   LEU A HD12 1 
ATOM   76  H HD13 . LEU A 1 2  ? 7.12640   3.98358  1.13921  1.000 5.39000  ? 2   LEU A HD13 1 
ATOM   77  H HD21 . LEU A 1 2  ? 9.58836   2.16930  -1.39539 1.000 6.10000  ? 2   LEU A HD21 1 
ATOM   78  H HD22 . LEU A 1 2  ? 8.96001   3.58242  -1.75882 1.000 6.10000  ? 2   LEU A HD22 1 
ATOM   79  H HD23 . LEU A 1 2  ? 9.89296   3.43406  -0.48213 1.000 6.10000  ? 2   LEU A HD23 1 
HETATM 80  N N    . AIB A 1 3  ? 6.43173   -0.63281 0.95217  1.000 2.38976  ? 3   AIB A N    1 
HETATM 81  C CA   . AIB A 1 3  ? 5.48834   -1.41923 0.17779  1.000 2.32396  ? 3   AIB A CA   1 
HETATM 82  C C    . AIB A 1 3  ? 4.08215   -1.30047 0.80058  1.000 2.27659  ? 3   AIB A C    1 
HETATM 83  O O    . AIB A 1 3  ? 3.08423   -1.07568 0.11527  1.000 2.63716  ? 3   AIB A O    1 
HETATM 84  C CB1  . AIB A 1 3  ? 5.45567   -0.94506 -1.28460 1.000 2.82665  ? 3   AIB A CB1  1 
HETATM 85  C CB2  . AIB A 1 3  ? 5.88986   -2.89511 0.21820  1.000 2.95035  ? 3   AIB A CB2  1 
HETATM 86  H H    . AIB A 1 3  ? 7.33564   -1.06246 0.96418  1.000 2.87000  ? 3   AIB A H    1 
HETATM 87  H HB11 . AIB A 1 3  ? 5.09968   0.11161  -1.33073 1.000 3.39000  ? 3   AIB A HB11 1 
HETATM 88  H HB12 . AIB A 1 3  ? 6.47960   -1.00736 -1.72432 1.000 3.39000  ? 3   AIB A HB12 1 
HETATM 89  H HB13 . AIB A 1 3  ? 4.76288   -1.59199 -1.87456 1.000 3.39000  ? 3   AIB A HB13 1 
HETATM 90  H HB21 . AIB A 1 3  ? 5.10590   -3.50084 -0.29736 1.000 3.54000  ? 3   AIB A HB21 1 
HETATM 91  H HB22 . AIB A 1 3  ? 6.87066   -3.02124 -0.30062 1.000 3.54000  ? 3   AIB A HB22 1 
HETATM 92  H HB23 . AIB A 1 3  ? 5.97953   -3.21956 1.28417  1.000 3.54000  ? 3   AIB A HB23 1 
ATOM   93  N N    . ALA A 1 4  ? 4.00158   -1.47693 2.12059  1.000 2.54241  ? 4   ALA A N    1 
ATOM   94  C CA   . ALA A 1 4  ? 2.70111   -1.40125 2.79237  1.000 2.87140  ? 4   ALA A CA   1 
ATOM   95  C C    . ALA A 1 4  ? 2.06768   -0.01554 2.64736  1.000 2.54504  ? 4   ALA A C    1 
ATOM   96  O O    . ALA A 1 4  ? 0.84694   0.10038  2.46326  1.000 3.00299  ? 4   ALA A O    1 
ATOM   97  C CB   . ALA A 1 4  ? 2.85566   -1.75025 4.26986  1.000 4.31368  ? 4   ALA A CB   1 
ATOM   98  H H    . ALA A 1 4  ? 4.66889   -1.63800 2.63844  1.000 3.05000  ? 4   ALA A H    1 
ATOM   99  H HA   . ALA A 1 4  ? 2.10435   -2.04425 2.37838  1.000 3.44000  ? 4   ALA A HA   1 
ATOM   100 H HB1  . ALA A 1 4  ? 3.44613   -1.10307 4.68773  1.000 5.18000  ? 4   ALA A HB1  1 
ATOM   101 H HB2  . ALA A 1 4  ? 1.98372   -1.72336 4.69345  1.000 5.18000  ? 4   ALA A HB2  1 
ATOM   102 H HB3  . ALA A 1 4  ? 3.23375   -2.63976 4.34641  1.000 5.18000  ? 4   ALA A HB3  1 
HETATM 103 N N    . AIB A 1 5  ? 2.89819   1.02280  2.76987  1.000 2.40029  ? 5   AIB A N    1 
HETATM 104 C CA   . AIB A 1 5  ? 2.45484   2.40606  2.67824  1.000 2.43187  ? 5   AIB A CA   1 
HETATM 105 C C    . AIB A 1 5  ? 1.74634   2.65350  1.33007  1.000 2.07393  ? 5   AIB A C    1 
HETATM 106 O O    . AIB A 1 5  ? 0.82275   3.46725  1.20865  1.000 2.73980  ? 5   AIB A O    1 
HETATM 107 C CB1  . AIB A 1 5  ? 1.50407   2.76176  3.84118  1.000 3.47673  ? 5   AIB A CB1  1 
HETATM 108 C CB2  . AIB A 1 5  ? 3.68321   3.32769  2.75033  1.000 3.00562  ? 5   AIB A CB2  1 
HETATM 109 H H    . AIB A 1 5  ? 3.88116   0.97434  2.58676  1.000 2.88000  ? 5   AIB A H    1 
HETATM 110 H HB11 . AIB A 1 5  ? 1.96131   2.44739  4.80963  1.000 4.17000  ? 5   AIB A HB11 1 
HETATM 111 H HB12 . AIB A 1 5  ? 1.32538   3.86269  3.85899  1.000 4.17000  ? 5   AIB A HB12 1 
HETATM 112 H HB13 . AIB A 1 5  ? 0.53058   2.23341  3.70608  1.000 4.17000  ? 5   AIB A HB13 1 
HETATM 113 H HB21 . AIB A 1 5  ? 3.34145   4.39081  2.76100  1.000 3.61000  ? 5   AIB A HB21 1 
HETATM 114 H HB22 . AIB A 1 5  ? 4.25409   3.10200  3.68298  1.000 3.61000  ? 5   AIB A HB22 1 
HETATM 115 H HB23 . AIB A 1 5  ? 4.32777   3.14505  1.85598  1.000 3.61000  ? 5   AIB A HB23 1 
ATOM   116 N N    . LEU A 1 6  ? 2.22480   1.96691  0.28131  1.000 1.95813  ? 6   LEU A N    1 
ATOM   117 C CA   . LEU A 1 6  ? 1.59081   2.07289  -1.02975 1.000 2.05551  ? 6   LEU A CA   1 
ATOM   118 C C    . LEU A 1 6  ? 0.40752   1.10954  -1.19779 1.000 2.08709  ? 6   LEU A C    1 
ATOM   119 O O    . LEU A 1 6  ? -0.64774  1.49362  -1.72826 1.000 2.47398  ? 6   LEU A O    1 
ATOM   120 C CB   . LEU A 1 6  ? 2.61870   1.83999  -2.14608 1.000 2.52925  ? 6   LEU A CB   1 
ATOM   121 C CG   . LEU A 1 6  ? 3.79491   2.81907  -2.15263 1.000 3.62149  ? 6   LEU A CG   1 
ATOM   122 C CD1  . LEU A 1 6  ? 4.74578   2.47083  -3.29767 1.000 5.00586  ? 6   LEU A CD1  1 
ATOM   123 C CD2  . LEU A 1 6  ? 3.32292   4.26615  -2.25819 1.000 4.80584  ? 6   LEU A CD2  1 
ATOM   124 H H    . LEU A 1 6  ? 2.90466   1.44226  0.30857  1.000 2.35000  ? 6   LEU A H    1 
ATOM   125 H HA   . LEU A 1 6  ? 1.23781   2.97177  -1.11437 1.000 2.47000  ? 6   LEU A HA   1 
ATOM   126 H HB2  . LEU A 1 6  ? 2.98307   0.94679  -2.04556 1.000 3.04000  ? 6   LEU A HB2  1 
ATOM   127 H HB3  . LEU A 1 6  ? 2.16712   1.92025  -3.00087 1.000 3.04000  ? 6   LEU A HB3  1 
ATOM   128 H HG   . LEU A 1 6  ? 4.27299   2.74210  -1.31254 1.000 4.35000  ? 6   LEU A HG   1 
ATOM   129 H HD11 . LEU A 1 6  ? 5.03734   1.55156  -3.19795 1.000 6.01000  ? 6   LEU A HD11 1 
ATOM   130 H HD12 . LEU A 1 6  ? 4.27781   2.57947  -4.14095 1.000 6.01000  ? 6   LEU A HD12 1 
ATOM   131 H HD13 . LEU A 1 6  ? 5.51085   3.06623  -3.26503 1.000 6.01000  ? 6   LEU A HD13 1 
ATOM   132 H HD21 . LEU A 1 6  ? 2.96527   4.54500  -1.40116 1.000 5.77000  ? 6   LEU A HD21 1 
ATOM   133 H HD22 . LEU A 1 6  ? 4.07627   4.82684  -2.50078 1.000 5.77000  ? 6   LEU A HD22 1 
ATOM   134 H HD23 . LEU A 1 6  ? 2.63398   4.32503  -2.93927 1.000 5.77000  ? 6   LEU A HD23 1 
HETATM 135 N N    . AIB A 1 7  ? 0.61061   -0.13892 -0.76288 1.000 2.35028  ? 7   AIB A N    1 
HETATM 136 C CA   . AIB A 1 7  ? -0.32588  -1.23450 -0.96565 1.000 2.41871  ? 7   AIB A CA   1 
HETATM 137 C C    . AIB A 1 7  ? -1.69304  -0.95771 -0.31901 1.000 2.11341  ? 7   AIB A C    1 
HETATM 138 O O    . AIB A 1 7  ? -2.70750  -1.56195 -0.68306 1.000 2.51609  ? 7   AIB A O    1 
HETATM 139 C CB1  . AIB A 1 7  ? -0.53189  -1.51802 -2.46499 1.000 3.41883  ? 7   AIB A CB1  1 
HETATM 140 C CB2  . AIB A 1 7  ? 0.22603   -2.49634 -0.27610 1.000 3.52411  ? 7   AIB A CB2  1 
HETATM 141 H H    . AIB A 1 7  ? 1.20738   -0.36449 0.00866  1.000 2.82000  ? 7   AIB A H    1 
HETATM 142 H HB11 . AIB A 1 7  ? -1.19581  -2.40591 -2.59359 1.000 4.10000  ? 7   AIB A HB11 1 
HETATM 143 H HB12 . AIB A 1 7  ? -1.00372  -0.63273 -2.95497 1.000 4.10000  ? 7   AIB A HB12 1 
HETATM 144 H HB13 . AIB A 1 7  ? 0.45327   -1.72275 -2.94748 1.000 4.10000  ? 7   AIB A HB13 1 
HETATM 145 H HB21 . AIB A 1 7  ? -0.48384  -3.34340 -0.44359 1.000 4.23000  ? 7   AIB A HB21 1 
HETATM 146 H HB22 . AIB A 1 7  ? 1.22277   -2.74436 -0.71345 1.000 4.23000  ? 7   AIB A HB22 1 
HETATM 147 H HB23 . AIB A 1 7  ? 0.32973   -2.29812 0.81808  1.000 4.23000  ? 7   AIB A HB23 1 
ATOM   148 N N    . GLN A 1 8  ? -1.72321  -0.04166 0.66135  1.000 1.94497  ? 8   GLN A N    1 
ATOM   149 C CA   . GLN A 1 8  ? -2.98217  0.29530  1.30634  1.000 1.80022  ? 8   GLN A CA   1 
ATOM   150 C C    . GLN A 1 8  ? -4.05578  0.72107  0.29873  1.000 1.71336  ? 8   GLN A C    1 
ATOM   151 O O    . GLN A 1 8  ? -5.24889  0.58830  0.58537  1.000 2.01077  ? 8   GLN A O    1 
ATOM   152 C CB   . GLN A 1 8  ? -2.79880  1.39902  2.35579  1.000 1.84233  ? 8   GLN A CB   1 
ATOM   153 C CG   . GLN A 1 8  ? -2.39334  2.74259  1.76435  1.000 1.84233  ? 8   GLN A CG   1 
ATOM   154 C CD   . GLN A 1 8  ? -2.34425  3.84501  2.80480  1.000 1.69757  ? 8   GLN A CD   1 
ATOM   155 O OE1  . GLN A 1 8  ? -3.29295  4.05630  3.56585  1.000 1.99761  ? 8   GLN A OE1  1 
ATOM   156 N NE2  . GLN A 1 8  ? -1.23587  4.56840  2.82744  1.000 2.41608  ? 8   GLN A NE2  1 
ATOM   157 H H    . GLN A 1 8  ? -1.03769  0.38463  0.95780  1.000 2.34000  ? 8   GLN A H    1 
ATOM   158 H HA   . GLN A 1 8  ? -3.29662  -0.50347 1.75753  1.000 2.16000  ? 8   GLN A HA   1 
ATOM   159 H HB2  . GLN A 1 8  ? -3.63688  1.52380  2.82800  1.000 2.21000  ? 8   GLN A HB2  1 
ATOM   160 H HB3  . GLN A 1 8  ? -2.10508  1.12710  2.97615  1.000 2.21000  ? 8   GLN A HB3  1 
ATOM   161 H HG2  . GLN A 1 8  ? -1.51114  2.66201  1.36968  1.000 2.21000  ? 8   GLN A HG2  1 
ATOM   162 H HG3  . GLN A 1 8  ? -3.03856  2.99758  1.08619  1.000 2.21000  ? 8   GLN A HG3  1 
ATOM   163 H HE21 . GLN A 1 8  ? -0.60073  4.39968  2.27364  1.000 2.90000  ? 8   GLN A HE21 1 
ATOM   164 H HE22 . GLN A 1 8  ? -1.15171  5.20755  3.39717  1.000 2.90000  ? 8   GLN A HE22 1 
HETATM 165 N N    . AIB A 1 9  ? -3.63396  1.24337  -0.86316 1.000 1.63704  ? 9   AIB A N    1 
HETATM 166 C CA   . AIB A 1 9  ? -4.54903  1.66128  -1.92490 1.000 1.77390  ? 9   AIB A CA   1 
HETATM 167 C C    . AIB A 1 9  ? -5.51919  0.52572  -2.33599 1.000 2.06867  ? 9   AIB A C    1 
HETATM 168 O O    . AIB A 1 9  ? -6.60443  0.77410  -2.85174 1.000 2.81613  ? 9   AIB A O    1 
HETATM 169 C CB1  . AIB A 1 9  ? -5.37107  2.89219  -1.50985 1.000 2.35291  ? 9   AIB A CB1  1 
HETATM 170 C CB2  . AIB A 1 9  ? -3.70215  1.98831  -3.16025 1.000 2.18184  ? 9   AIB A CB2  1 
HETATM 171 H H    . AIB A 1 9  ? -2.75309  1.70480  -0.97970 1.000 1.97000  ? 9   AIB A H    1 
HETATM 172 H HB11 . AIB A 1 9  ? -4.68519  3.74165  -1.27719 1.000 2.83000  ? 9   AIB A HB11 1 
HETATM 173 H HB12 . AIB A 1 9  ? -6.05227  3.18846  -2.34259 1.000 2.83000  ? 9   AIB A HB12 1 
HETATM 174 H HB13 . AIB A 1 9  ? -5.97870  2.65156  -0.60607 1.000 2.83000  ? 9   AIB A HB13 1 
HETATM 175 H HB21 . AIB A 1 9  ? -2.95900  2.77911  -2.89495 1.000 2.62000  ? 9   AIB A HB21 1 
HETATM 176 H HB22 . AIB A 1 9  ? -3.17075  1.06442  -3.49273 1.000 2.62000  ? 9   AIB A HB22 1 
HETATM 177 H HB23 . AIB A 1 9  ? -4.37248  2.35508  -3.97584 1.000 2.62000  ? 9   AIB A HB23 1 
ATOM   178 N N    A LEU A 1 10 ? -5.14412  -0.71481 -2.10336 0.570 1.93000  ? 10  LEU A N    1 
ATOM   179 N N    B LEU A 1 10 ? -4.99910  -0.71791 -2.16443 0.430 1.84000  ? 10  LEU A N    1 
ATOM   180 C CA   A LEU A 1 10 ? -5.97810  -1.82652 -2.51575 0.570 1.61000  ? 10  LEU A CA   1 
ATOM   181 C CA   B LEU A 1 10 ? -5.66506  -1.99423 -2.48912 0.430 1.87000  ? 10  LEU A CA   1 
ATOM   182 C C    A LEU A 1 10 ? -6.68069  -2.48961 -1.33239 0.570 1.59000  ? 10  LEU A C    1 
ATOM   183 C C    B LEU A 1 10 ? -6.14050  -2.75297 -1.24679 0.430 2.32000  ? 10  LEU A C    1 
ATOM   184 O O    A LEU A 1 10 ? -7.39688  -3.47347 -1.48998 0.570 2.05000  ? 10  LEU A O    1 
ATOM   185 O O    B LEU A 1 10 ? -6.65438  -3.86815 -1.32314 0.430 3.69000  ? 10  LEU A O    1 
ATOM   186 C CB   A LEU A 1 10 ? -5.10138  -2.85524 -3.24001 0.570 1.81000  ? 10  LEU A CB   1 
ATOM   187 C CB   B LEU A 1 10 ? -4.72274  -2.92307 -3.25761 0.430 1.99000  ? 10  LEU A CB   1 
ATOM   188 C CG   A LEU A 1 10 ? -4.32230  -2.30041 -4.44804 0.570 2.28000  ? 10  LEU A CG   1 
ATOM   189 C CG   B LEU A 1 10 ? -4.24109  -2.35288 -4.59289 0.430 2.62000  ? 10  LEU A CG   1 
ATOM   190 C CD1  A LEU A 1 10 ? -3.44136  -3.37446 -5.08436 0.570 3.54000  ? 10  LEU A CD1  1 
ATOM   191 C CD1  B LEU A 1 10 ? -3.26492  -3.31489 -5.23700 0.430 3.93000  ? 10  LEU A CD1  1 
ATOM   192 C CD2  A LEU A 1 10 ? -5.26701  -1.70984 -5.48561 0.570 2.42000  ? 10  LEU A CD2  1 
ATOM   193 C CD2  B LEU A 1 10 ? -5.40907  -2.07930 -5.53328 0.430 3.04000  ? 10  LEU A CD2  1 
ATOM   194 H H    A LEU A 1 10 ? -4.41322  -0.94047 -1.71034 0.570 2.32000  ? 10  LEU A H    1 
ATOM   195 H H    B LEU A 1 10 ? -4.21375  -0.85020 -1.84115 0.430 2.21000  ? 10  LEU A H    1 
ATOM   196 H HA   A LEU A 1 10 ? -6.67287  -1.50536 -3.11137 0.570 1.93000  ? 10  LEU A HA   1 
ATOM   197 H HA   B LEU A 1 10 ? -6.43620  -1.77012 -3.03213 0.430 2.24000  ? 10  LEU A HA   1 
ATOM   198 H HB2  A LEU A 1 10 ? -4.45257  -3.20449 -2.60884 0.570 2.17000  ? 10  LEU A HB2  1 
ATOM   199 H HB2  B LEU A 1 10 ? -3.94108  -3.09529 -2.71004 0.430 2.39000  ? 10  LEU A HB2  1 
ATOM   200 H HB3  A LEU A 1 10 ? -5.67014  -3.57176 -3.56171 0.570 2.17000  ? 10  LEU A HB3  1 
ATOM   201 H HB3  B LEU A 1 10 ? -5.18795  -3.75397 -3.44135 0.430 2.39000  ? 10  LEU A HB3  1 
ATOM   202 H HG   A LEU A 1 10 ? -3.74393  -1.59083 -4.12908 0.570 2.74000  ? 10  LEU A HG   1 
ATOM   203 H HG   B LEU A 1 10 ? -3.79316  -1.50877 -4.43022 0.430 3.14000  ? 10  LEU A HG   1 
ATOM   204 H HD11 A LEU A 1 10 ? -2.77001  -3.65308 -4.44153 0.570 4.25000  ? 10  LEU A HD11 1 
ATOM   205 H HD11 B LEU A 1 10 ? -2.56878  -3.53315 -4.59824 0.430 4.72000  ? 10  LEU A HD11 1 
ATOM   206 H HD12 A LEU A 1 10 ? -3.99538  -4.13073 -5.33336 0.570 4.25000  ? 10  LEU A HD12 1 
ATOM   207 H HD12 B LEU A 1 10 ? -3.74019  -4.11998 -5.49715 0.430 4.72000  ? 10  LEU A HD12 1 
ATOM   208 H HD13 A LEU A 1 10 ? -3.01130  -3.00496 -5.87171 0.570 4.25000  ? 10  LEU A HD13 1 
ATOM   209 H HD13 B LEU A 1 10 ? -2.87559  -2.89350 -6.01983 0.430 4.72000  ? 10  LEU A HD13 1 
ATOM   210 H HD21 A LEU A 1 10 ? -4.74433  -1.34501 -6.21688 0.570 2.90000  ? 10  LEU A HD21 1 
ATOM   211 H HD21 B LEU A 1 10 ? -5.94138  -2.88532 -5.61907 0.430 3.65000  ? 10  LEU A HD21 1 
ATOM   212 H HD22 A LEU A 1 10 ? -5.85298  -2.40911 -5.81352 0.570 2.90000  ? 10  LEU A HD22 1 
ATOM   213 H HD22 B LEU A 1 10 ? -5.95076  -1.36417 -5.16333 0.430 3.65000  ? 10  LEU A HD22 1 
ATOM   214 H HD23 A LEU A 1 10 ? -5.79127  -1.00672 -5.07096 0.570 2.90000  ? 10  LEU A HD23 1 
ATOM   215 H HD23 B LEU A 1 10 ? -5.06211  -1.81786 -6.39995 0.430 3.65000  ? 10  LEU A HD23 1 
HETATM 216 C C11  A I77 A 1 11 ? -6.97155  -4.25734 3.41262  0.430 3.32000  ? 11  I77 A C11  1 
HETATM 217 C C11  B I77 A 1 11 ? -7.03378  -3.69765 3.67410  0.570 4.11000  ? 11  I77 A C11  1 
HETATM 218 C C12  A I77 A 1 11 ? -7.86595  -3.31162 2.92546  0.430 2.18000  ? 11  I77 A C12  1 
HETATM 219 C C12  B I77 A 1 11 ? -8.04204  -2.90477 3.11619  0.570 3.27000  ? 11  I77 A C12  1 
HETATM 220 C C13  A I77 A 1 11 ? -7.67028  -2.67708 1.56124  0.430 2.65000  ? 11  I77 A C13  1 
HETATM 221 C C13  B I77 A 1 11 ? -7.81211  -2.16002 1.81892  0.570 3.06000  ? 11  I77 A C13  1 
HETATM 222 C C17  A I77 A 1 11 ? -8.96494  -2.94679 3.68881  0.430 2.27000  ? 11  I77 A C17  1 
HETATM 223 C C17  B I77 A 1 11 ? -9.26449  -2.76578 3.75367  0.570 4.13000  ? 11  I77 A C17  1 
HETATM 224 C C18  A I77 A 1 11 ? -9.12882  -3.54411 4.91420  0.430 2.19000  ? 11  I77 A C18  1 
HETATM 225 C C18  B I77 A 1 11 ? -9.44356  -3.44124 4.93998  0.570 2.88000  ? 11  I77 A C18  1 
HETATM 226 C C02  A I77 A 1 11 ? -8.90781  -7.01208 10.39967 0.430 3.53000  ? 11  I77 A C02  1 
HETATM 227 C C02  B I77 A 1 11 ? -9.02715  -6.92597 10.46008 0.570 1.57000  ? 11  I77 A C02  1 
HETATM 228 C C03  A I77 A 1 11 ? -8.74502  -6.32648 9.04842  0.430 2.01000  ? 11  I77 A C03  1 
HETATM 229 C C03  B I77 A 1 11 ? -8.95452  -6.22198 9.10535  0.570 2.40000  ? 11  I77 A C03  1 
HETATM 230 C C04  A I77 A 1 11 ? -7.60574  -6.61305 8.33737  0.430 2.60000  ? 11  I77 A C04  1 
HETATM 231 C C04  B I77 A 1 11 ? -7.77544  -6.39286 8.40407  0.570 2.78000  ? 11  I77 A C04  1 
HETATM 232 C C05  A I77 A 1 11 ? -7.42994  -6.00091 7.11692  0.430 2.41000  ? 11  I77 A C05  1 
HETATM 233 C C05  B I77 A 1 11 ? -7.61085  -5.75212 7.19813  0.570 2.52000  ? 11  I77 A C05  1 
HETATM 234 C C06  A I77 A 1 11 ? -9.67735  -5.43352 8.52559  0.430 4.07000  ? 11  I77 A C06  1 
HETATM 235 C C06  B I77 A 1 11 ? -9.94405  -5.40698 8.57667  0.570 2.69000  ? 11  I77 A C06  1 
HETATM 236 C C08  A I77 A 1 11 ? -8.38589  -5.13150 6.65991  0.430 1.97000  ? 11  I77 A C08  1 
HETATM 237 C C08  B I77 A 1 11 ? -8.63482  -4.96022 6.72397  0.570 2.22000  ? 11  I77 A C08  1 
HETATM 238 C C09  A I77 A 1 11 ? -8.19033  -4.47693 5.33426  0.430 2.29000  ? 11  I77 A C09  1 
HETATM 239 C C09  B I77 A 1 11 ? -8.42149  -4.24257 5.42479  0.570 2.31000  ? 11  I77 A C09  1 
HETATM 240 N N01  A I77 A 1 11 ? -10.03458 -6.59779 11.19060 0.430 1.33000  ? 11  I77 A N01  1 
HETATM 241 N N01  B I77 A 1 11 ? -10.21611 -6.70512 11.24517 0.570 5.51000  ? 11  I77 A N01  1 
HETATM 242 N N07  A I77 A 1 11 ? -9.47017  -4.86257 7.33990  0.430 3.75000  ? 11  I77 A N07  1 
HETATM 243 N N07  B I77 A 1 11 ? -9.75766  -4.79748 7.39268  0.570 2.40000  ? 11  I77 A N07  1 
HETATM 244 N N10  A I77 A 1 11 ? -7.15955  -4.81762 4.59833  0.430 2.72000  ? 11  I77 A N10  1 
HETATM 245 N N10  B I77 A 1 11 ? -7.23959  -4.33306 4.81637  0.570 4.13000  ? 11  I77 A N10  1 
HETATM 246 N N14  A I77 A 1 11 ? -6.28841  -2.66944 1.12592  0.430 3.11000  ? 11  I77 A N14  1 
HETATM 247 N N14  B I77 A 1 11 ? -6.71796  -2.64830 1.03398  0.570 2.84000  ? 11  I77 A N14  1 
HETATM 248 N N15  A I77 A 1 11 ? -6.02211  -2.09759 -0.12260 0.430 1.76000  ? 11  I77 A N15  1 
HETATM 249 N N15  B I77 A 1 11 ? -6.46609  -1.92667 -0.13241 0.570 2.48000  ? 11  I77 A N15  1 
HETATM 250 O O16  A I77 A 1 11 ? -8.56946  -2.25644 0.88838  0.430 4.23000  ? 11  I77 A O16  1 
HETATM 251 O O16  B I77 A 1 11 ? -8.44848  -1.20627 1.49731  0.570 5.58000  ? 11  I77 A O16  1 
HETATM 252 O O19  A I77 A 1 11 ? -8.15551  -7.85399 10.76163 0.430 3.33000  ? 11  I77 A O19  1 
HETATM 253 O O19  B I77 A 1 11 ? -8.11161  -7.60193 10.87577 0.570 2.62000  ? 11  I77 A O19  1 
HETATM 254 H H111 A I77 A 1 11 ? -6.11575  -4.53895 2.81918  0.430 3.98000  ? 11  I77 A H111 1 
HETATM 255 H H111 B I77 A 1 11 ? -6.08341  -3.79127 3.17208  0.570 4.93000  ? 11  I77 A H111 1 
HETATM 256 H H171 A I77 A 1 11 ? -9.67802  -2.20705 3.32543  0.430 2.72000  ? 11  I77 A H171 1 
HETATM 257 H H171 B I77 A 1 11 ? -10.05491 -2.14532 3.33182  0.570 4.96000  ? 11  I77 A H171 1 
HETATM 258 H H181 A I77 A 1 11 ? -9.97856  -3.29153 5.54395  0.430 2.63000  ? 11  I77 A H181 1 
HETATM 259 H H181 B I77 A 1 11 ? -10.37778 -3.34799 5.49068  0.570 3.46000  ? 11  I77 A H181 1 
HETATM 260 H H041 A I77 A 1 11 ? -6.87233  -7.29646 8.72264  0.430 3.12000  ? 11  I77 A H041 1 
HETATM 261 H H041 B I77 A 1 11 ? -6.99681  -7.01987 8.79687  0.570 3.34000  ? 11  I77 A H041 1 
HETATM 262 H H051 A I77 A 1 11 ? -6.54572  -6.20351 6.52436  0.430 2.89000  ? 11  I77 A H051 1 
HETATM 263 H H051 B I77 A 1 11 ? -6.69491  -5.86662 6.63135  0.570 3.02000  ? 11  I77 A H051 1 
HETATM 264 H H061 A I77 A 1 11 ? -10.57325 -5.20256 9.08426  0.430 4.88000  ? 11  I77 A H061 1 
HETATM 265 H H061 B I77 A 1 11 ? -10.86842 -5.26053 9.11765  0.570 3.23000  ? 11  I77 A H061 1 
HETATM 266 H H011 A I77 A 1 11 ? -10.65322 -5.89009 10.85693 0.430 1.60000  ? 11  I77 A H011 1 
HETATM 267 H H011 B I77 A 1 11 ? -10.95612 -6.13642 10.89458 0.570 6.61000  ? 11  I77 A H011 1 
HETATM 268 H H012 A I77 A 1 11 ? -10.19319 -7.01510 12.09126 0.430 1.60000  ? 11  I77 A H012 1 
HETATM 269 H H012 B I77 A 1 11 ? -10.30521 -7.14259 12.14715 0.570 6.61000  ? 11  I77 A H012 1 
HETATM 270 H H141 A I77 A 1 11 ? -5.55410  -3.05732 1.69495  0.430 3.73000  ? 11  I77 A H141 1 
HETATM 271 H H141 B I77 A 1 11 ? -6.17350  -3.44951 1.30312  0.570 3.41000  ? 11  I77 A H141 1 
HETATM 272 N N    A CCN B 2 .  ? 0.90781   -5.77247 -1.97957 0.520 6.95000  ? 201 CCN A N    1 
HETATM 273 N N    B CCN B 2 .  ? 0.61962   -5.34870 -2.57137 0.480 8.63000  ? 201 CCN A N    1 
HETATM 274 C C1   A CCN B 2 .  ? 1.97832   -5.48466 -2.19339 0.520 4.87000  ? 201 CCN A C1   1 
HETATM 275 C C1   B CCN B 2 .  ? 1.73215   -5.14511 -2.55263 0.480 5.30000  ? 201 CCN A C1   1 
HETATM 276 C C2   A CCN B 2 .  ? 3.42177   -5.10991 -2.48585 0.520 6.42000  ? 201 CCN A C2   1 
HETATM 277 C C2   B CCN B 2 .  ? 3.22386   -4.84069 -2.53186 0.480 6.12000  ? 201 CCN A C2   1 
HETATM 278 H H21  A CCN B 2 .  ? 3.62901   -5.26482 -3.53710 0.520 7.70000  ? 201 CCN A H21  1 
HETATM 279 H H21  B CCN B 2 .  ? 3.78018   -5.76396 -2.42969 0.480 7.34000  ? 201 CCN A H21  1 
HETATM 280 H H22  A CCN B 2 .  ? 4.08264   -5.72971 -1.89237 0.520 7.70000  ? 201 CCN A H22  1 
HETATM 281 H H22  B CCN B 2 .  ? 3.44778   -4.18947 -1.69526 0.480 7.34000  ? 201 CCN A H22  1 
HETATM 282 H H23  A CCN B 2 .  ? 3.58216   -4.06906 -2.23566 0.520 7.70000  ? 201 CCN A H23  1 
HETATM 283 H H23  B CCN B 2 .  ? 3.50482   -4.35076 -3.45553 0.480 7.34000  ? 201 CCN A H23  1 
HETATM 284 N N    . CCN C 2 .  ? -3.09802  5.65936  -0.30193 1.000 5.04534  ? 202 CCN A N    1 
HETATM 285 C C1   . CCN C 2 .  ? -2.15274  5.33627  -0.81978 1.000 3.56622  ? 202 CCN A C1   1 
HETATM 286 C C2   . CCN C 2 .  ? -0.88786  4.88613  -1.49438 1.000 3.56359  ? 202 CCN A C2   1 
HETATM 287 H H21  . CCN C 2 .  ? -0.06252  4.95590  -0.79695 1.000 4.27000  ? 202 CCN A H21  1 
HETATM 288 H H22  . CCN C 2 .  ? -0.69173  5.51816  -2.35157 1.000 4.27000  ? 202 CCN A H22  1 
HETATM 289 H H23  . CCN C 2 .  ? -0.99936  3.85950  -1.82072 1.000 4.27000  ? 202 CCN A H23  1 
HETATM 290 N N    . CCN D 2 .  ? -0.95249  -2.43579 2.87299  1.000 29.93000 ? 203 CCN A N    1 
HETATM 291 C C1   . CCN D 2 .  ? -0.88648  -1.67482 3.70638  1.000 29.93000 ? 203 CCN A C1   1 
HETATM 292 C C2   . CCN D 2 .  ? -0.79663  -0.64674 4.82978  1.000 29.93000 ? 203 CCN A C2   1 
HETATM 293 H H21  . CCN D 2 .  ? -0.98508  0.34267  4.43039  1.000 35.92000 ? 203 CCN A H21  1 
HETATM 294 H H22  . CCN D 2 .  ? 0.19240   -0.67647 5.26821  1.000 35.92000 ? 203 CCN A H22  1 
HETATM 295 H H23  . CCN D 2 .  ? -1.53477  -0.87579 5.58865  1.000 35.92000 ? 203 CCN A H23  1 
HETATM 296 O O    . HOH E 3 .  ? 5.99072   -5.55057 14.18847 1.000 29.93000 ? 301 HOH A O    1 
HETATM 297 O O    . HOH E 3 .  ? -11.67760 -4.29001 10.99256 1.000 29.93000 ? 302 HOH A O    1 
HETATM 298 O O    . HOH E 3 .  ? 11.71376  -2.67489 4.68568  1.000 29.93000 ? 303 HOH A O    1 
HETATM 299 O O    . HOH E 3 .  ? -3.16117  -4.47870 -0.40813 1.000 29.93000 ? 304 HOH A O    1 
HETATM 300 O O    . HOH E 3 .  ? -1.24250  -6.27717 0.04227  1.000 29.93000 ? 305 HOH A O    1 
# 
loop_
_atom_site_anisotrop.id 
_atom_site_anisotrop.type_symbol 
_atom_site_anisotrop.pdbx_label_atom_id 
_atom_site_anisotrop.pdbx_label_alt_id 
_atom_site_anisotrop.pdbx_label_comp_id 
_atom_site_anisotrop.pdbx_label_asym_id 
_atom_site_anisotrop.pdbx_label_seq_id 
_atom_site_anisotrop.pdbx_PDB_ins_code 
_atom_site_anisotrop.U[1][1] 
_atom_site_anisotrop.U[2][2] 
_atom_site_anisotrop.U[3][3] 
_atom_site_anisotrop.U[1][2] 
_atom_site_anisotrop.U[1][3] 
_atom_site_anisotrop.U[2][3] 
_atom_site_anisotrop.pdbx_auth_seq_id 
_atom_site_anisotrop.pdbx_auth_comp_id 
_atom_site_anisotrop.pdbx_auth_asym_id 
_atom_site_anisotrop.pdbx_auth_atom_id 
61  N N   . LEU A 2 ? 0.04674 0.03328 0.05797 0.00420  -0.02319 -0.00461 2   LEU A N   
62  C CA  . LEU A 2 ? 0.02270 0.02932 0.05339 0.00769  -0.00740 -0.00797 2   LEU A CA  
63  C C   . LEU A 2 ? 0.02100 0.02715 0.04065 0.00877  0.00001  -0.00386 2   LEU A C   
64  O O   . LEU A 2 ? 0.01874 0.02854 0.04282 0.01115  -0.00112 -0.00378 2   LEU A O   
65  C CB  . LEU A 2 ? 0.02014 0.04149 0.06857 0.00444  -0.00083 -0.01623 2   LEU A CB  
66  C CG  . LEU A 2 ? 0.02395 0.05938 0.06428 -0.00375 0.01296  -0.01101 2   LEU A CG  
67  C CD1 . LEU A 2 ? 0.04533 0.05159 0.07378 0.00570  0.01888  0.01084  2   LEU A CD1 
68  C CD2 . LEU A 2 ? 0.03752 0.08207 0.07371 -0.00994 0.02399  -0.01512 2   LEU A CD2 
80  N N   . AIB A 3 ? 0.02198 0.02887 0.03995 0.01239  -0.00662 -0.00868 3   AIB A N   
81  C CA  . AIB A 3 ? 0.01883 0.03172 0.03776 0.01142  -0.00477 -0.00934 3   AIB A CA  
82  C C   . AIB A 3 ? 0.02066 0.02874 0.03710 0.00935  -0.00267 -0.00841 3   AIB A C   
83  O O   . AIB A 3 ? 0.01923 0.03966 0.04131 0.01137  -0.00197 -0.00582 3   AIB A O   
84  C CB1 . AIB A 3 ? 0.02470 0.04771 0.03499 0.01688  -0.00200 -0.00982 3   AIB A CB1 
85  C CB2 . AIB A 3 ? 0.02830 0.03102 0.05279 0.01300  -0.01060 -0.01365 3   AIB A CB2 
93  N N   . ALA A 4 ? 0.02691 0.03042 0.03927 0.00785  -0.00144 0.00047  4   ALA A N   
94  C CA  . ALA A 4 ? 0.03321 0.03255 0.04334 0.00823  0.00759  0.00851  4   ALA A CA  
95  C C   . ALA A 4 ? 0.02950 0.03532 0.03188 0.00696  0.00597  0.00058  4   ALA A C   
96  O O   . ALA A 4 ? 0.02820 0.04351 0.04239 0.00647  0.00807  -0.00055 4   ALA A O   
97  C CB  . ALA A 4 ? 0.05261 0.06431 0.04698 0.00687  0.00619  0.02426  4   ALA A CB  
103 N N   . AIB A 5 ? 0.02835 0.03138 0.03147 0.01119  0.00280  -0.00430 5   AIB A N   
104 C CA  . AIB A 5 ? 0.02650 0.03404 0.03187 0.01161  0.00071  -0.00896 5   AIB A CA  
105 C C   . AIB A 5 ? 0.01710 0.02953 0.03216 0.00483  0.00629  -0.00646 5   AIB A C   
106 O O   . AIB A 5 ? 0.02129 0.04130 0.04151 0.01351  0.00413  -0.00736 5   AIB A O   
107 C CB1 . AIB A 5 ? 0.04487 0.05259 0.03464 0.01760  0.00613  -0.01003 5   AIB A CB1 
108 C CB2 . AIB A 5 ? 0.03304 0.03240 0.04876 0.00945  -0.00695 -0.01300 5   AIB A CB2 
116 N N   . LEU A 6 ? 0.01905 0.02645 0.02890 0.00853  0.00319  -0.00406 6   LEU A N   
117 C CA  . LEU A 6 ? 0.01929 0.02879 0.03002 0.00940  0.00387  -0.00053 6   LEU A CA  
118 C C   . LEU A 6 ? 0.01953 0.03055 0.02922 0.00936  0.00240  -0.00381 6   LEU A C   
119 O O   . LEU A 6 ? 0.02293 0.03606 0.03501 0.00956  -0.00162 0.00062  6   LEU A O   
120 C CB  . LEU A 6 ? 0.02479 0.04453 0.02678 0.00937  0.00664  0.00025  6   LEU A CB  
121 C CG  . LEU A 6 ? 0.03470 0.05973 0.04317 -0.00189 0.01285  0.00553  6   LEU A CG  
122 C CD1 . LEU A 6 ? 0.04922 0.08527 0.05571 0.00679  0.02707  0.01537  6   LEU A CD1 
123 C CD2 . LEU A 6 ? 0.06216 0.05209 0.06836 -0.00842 0.02167  0.00302  6   LEU A CD2 
135 N N   . AIB A 7 ? 0.02056 0.02823 0.04051 0.00735  -0.00246 -0.00573 7   AIB A N   
136 C CA  . AIB A 7 ? 0.02446 0.02542 0.04202 0.00966  -0.00380 -0.01149 7   AIB A CA  
137 C C   . AIB A 7 ? 0.02838 0.01818 0.03374 0.00665  -0.00247 -0.00484 7   AIB A C   
138 O O   . AIB A 7 ? 0.02739 0.02355 0.04466 0.00207  -0.00312 -0.00782 7   AIB A O   
139 C CB1 . AIB A 7 ? 0.03323 0.04970 0.04697 0.00829  0.00187  -0.01918 7   AIB A CB1 
140 C CB2 . AIB A 7 ? 0.03366 0.02636 0.07388 0.00975  -0.01136 -0.00598 7   AIB A CB2 
148 N N   . GLN A 8 ? 0.02157 0.02236 0.02997 0.00274  -0.00330 -0.00447 8   GLN A N   
149 C CA  . GLN A 8 ? 0.02331 0.02100 0.02409 0.00119  -0.00087 0.00052  8   GLN A CA  
150 C C   . GLN A 8 ? 0.01987 0.02092 0.02431 -0.00073 0.00090  -0.00458 8   GLN A C   
151 O O   . GLN A 8 ? 0.02155 0.02665 0.02820 -0.00359 0.00297  -0.00678 8   GLN A O   
152 C CB  . GLN A 8 ? 0.02497 0.02336 0.02167 0.00159  -0.00134 -0.00111 8   GLN A CB  
153 C CG  . GLN A 8 ? 0.02308 0.02143 0.02549 -0.00284 0.00189  -0.00258 8   GLN A CG  
154 C CD  . GLN A 8 ? 0.01206 0.02220 0.03024 0.00470  -0.00062 -0.00351 8   GLN A CD  
155 O OE1 . GLN A 8 ? 0.01503 0.03136 0.02950 0.00507  0.00511  -0.00239 8   GLN A OE1 
156 N NE2 . GLN A 8 ? 0.01705 0.02758 0.04716 -0.00170 0.00770  -0.01616 8   GLN A NE2 
165 N N   . AIB A 9 ? 0.01675 0.02136 0.02409 -0.00080 -0.00018 -0.00186 9   AIB A N   
166 C CA  . AIB A 9 ? 0.02178 0.02183 0.02378 -0.00004 -0.00144 -0.00113 9   AIB A CA  
167 C C   . AIB A 9 ? 0.02747 0.02734 0.02379 -0.00657 -0.00062 -0.00044 9   AIB A C   
168 O O   . AIB A 9 ? 0.02764 0.04242 0.03694 -0.00665 -0.00762 -0.00228 9   AIB A O   
169 C CB1 . AIB A 9 ? 0.02622 0.02743 0.03575 0.00420  -0.00096 -0.00287 9   AIB A CB1 
170 C CB2 . AIB A 9 ? 0.02851 0.03028 0.02411 -0.00636 0.00112  0.00261  9   AIB A CB2 
284 N N   . CCN C . ? 0.04954 0.05974 0.08242 -0.00820 0.01755  0.00677  202 CCN A N   
285 C C1  . CCN C . ? 0.04378 0.02853 0.06319 -0.00665 -0.00363 0.00775  202 CCN A C1  
286 C C2  . CCN C . ? 0.04540 0.02458 0.06542 0.00689  -0.01039 0.00409  202 CCN A C2  
# 
